data_1BH5
#
_entry.id   1BH5
#
_cell.length_a   67.280
_cell.length_b   67.280
_cell.length_c   164.730
_cell.angle_alpha   90.00
_cell.angle_beta   90.00
_cell.angle_gamma   90.00
#
_symmetry.space_group_name_H-M   'P 41'
#
loop_
_entity.id
_entity.type
_entity.pdbx_description
1 polymer 'LACTOYLGLUTATHIONE LYASE'
2 non-polymer 'ZINC ION'
3 non-polymer S-HEXYLGLUTATHIONE
4 water water
#
_entity_poly.entity_id   1
_entity_poly.type   'polypeptide(L)'
_entity_poly.pdbx_seq_one_letter_code
;AEPQPPSGGLTDEAALSCCSDADPSTKDFLLQETMLRVKDPKKSLDFYTRVLGMTLIQKCDFPIMKFSLYFLAYEDKNDI
PKEKDEKIAWALSRKATLELTHNWGTEDDETQSYHNGNSDPRGFGHIGIAVPDVYSACKRFEELGVKFVKKPDDGKMKGL
AFIQDPDGYWIQILNPNKMATLM
;
_entity_poly.pdbx_strand_id   A,B,C,D
#
# COMPACT_ATOMS: atom_id res chain seq x y z
N SER A 7 11.01 -2.00 -15.45
CA SER A 7 9.82 -2.36 -14.70
C SER A 7 8.58 -2.70 -15.53
N GLY A 8 7.84 -3.68 -15.03
CA GLY A 8 6.51 -4.08 -15.51
C GLY A 8 5.54 -3.36 -14.54
N GLY A 9 4.44 -3.98 -14.15
CA GLY A 9 3.53 -3.25 -13.26
C GLY A 9 3.88 -3.45 -11.78
N LEU A 10 3.31 -2.59 -10.92
CA LEU A 10 3.51 -2.82 -9.49
C LEU A 10 2.72 -4.08 -9.12
N THR A 11 3.19 -4.74 -8.05
CA THR A 11 2.42 -5.85 -7.52
C THR A 11 1.37 -5.16 -6.62
N ASP A 12 0.35 -5.91 -6.24
CA ASP A 12 -0.64 -5.44 -5.32
C ASP A 12 0.02 -5.03 -4.00
N GLU A 13 0.92 -5.86 -3.50
CA GLU A 13 1.62 -5.62 -2.26
C GLU A 13 2.48 -4.36 -2.29
N ALA A 14 3.17 -4.12 -3.39
CA ALA A 14 3.98 -2.91 -3.55
C ALA A 14 3.12 -1.65 -3.62
N ALA A 15 1.99 -1.73 -4.29
CA ALA A 15 1.06 -0.60 -4.39
C ALA A 15 0.50 -0.23 -3.02
N LEU A 16 0.04 -1.22 -2.26
CA LEU A 16 -0.47 -0.95 -0.91
C LEU A 16 0.63 -0.40 -0.01
N SER A 17 1.87 -0.91 -0.12
CA SER A 17 2.98 -0.40 0.69
C SER A 17 3.22 1.08 0.43
N CYS A 18 3.04 1.53 -0.79
CA CYS A 18 3.15 2.92 -1.18
C CYS A 18 1.97 3.76 -0.72
N CYS A 19 0.92 3.19 -0.15
CA CYS A 19 -0.22 3.97 0.31
C CYS A 19 -0.12 4.23 1.81
N SER A 20 -0.45 5.46 2.22
CA SER A 20 -0.48 5.75 3.65
C SER A 20 -1.94 5.87 4.11
N ASP A 21 -2.22 5.64 5.37
CA ASP A 21 -3.56 5.84 5.92
C ASP A 21 -3.90 7.33 5.90
N ALA A 22 -5.15 7.72 5.85
CA ALA A 22 -5.57 9.11 5.88
C ALA A 22 -5.22 9.85 7.15
N ASP A 23 -4.36 10.88 7.08
CA ASP A 23 -4.02 11.65 8.30
C ASP A 23 -5.28 12.34 8.79
N PRO A 24 -5.38 12.55 10.10
CA PRO A 24 -6.54 13.23 10.71
C PRO A 24 -6.69 14.62 10.18
N SER A 25 -5.60 15.26 9.74
CA SER A 25 -5.68 16.58 9.15
C SER A 25 -6.28 16.55 7.76
N THR A 26 -6.55 15.42 7.11
CA THR A 26 -7.30 15.43 5.86
C THR A 26 -8.77 15.09 6.12
N LYS A 27 -9.18 15.07 7.38
CA LYS A 27 -10.58 14.72 7.67
C LYS A 27 -11.51 15.70 6.98
N ASP A 28 -12.54 15.20 6.29
CA ASP A 28 -13.52 15.98 5.57
C ASP A 28 -13.05 16.50 4.21
N PHE A 29 -11.80 16.17 3.81
CA PHE A 29 -11.37 16.58 2.50
C PHE A 29 -12.29 15.94 1.45
N LEU A 30 -12.64 16.66 0.39
CA LEU A 30 -13.44 16.00 -0.64
C LEU A 30 -13.01 16.43 -2.04
N LEU A 31 -13.09 15.47 -2.96
CA LEU A 31 -12.72 15.70 -4.35
C LEU A 31 -13.92 16.39 -5.01
N GLN A 32 -13.85 17.69 -5.08
CA GLN A 32 -14.98 18.50 -5.49
C GLN A 32 -15.13 18.79 -6.98
N GLU A 33 -14.04 18.91 -7.75
CA GLU A 33 -14.20 19.27 -9.15
C GLU A 33 -13.09 18.79 -10.08
N THR A 34 -13.46 18.80 -11.34
CA THR A 34 -12.57 18.50 -12.46
C THR A 34 -12.78 19.69 -13.42
N MET A 35 -11.73 20.37 -13.81
CA MET A 35 -11.88 21.58 -14.60
C MET A 35 -11.45 21.39 -16.04
N LEU A 36 -12.29 21.77 -16.98
CA LEU A 36 -11.95 21.68 -18.40
C LEU A 36 -12.24 23.02 -19.09
N ARG A 37 -11.39 23.43 -20.01
CA ARG A 37 -11.60 24.67 -20.76
C ARG A 37 -12.50 24.40 -21.97
N VAL A 38 -13.52 25.24 -22.16
CA VAL A 38 -14.44 25.03 -23.27
C VAL A 38 -14.45 26.24 -24.21
N LYS A 39 -14.30 25.95 -25.49
CA LYS A 39 -14.33 26.94 -26.56
C LYS A 39 -15.65 27.71 -26.59
N ASP A 40 -16.77 27.04 -26.46
CA ASP A 40 -18.10 27.61 -26.63
C ASP A 40 -19.04 27.12 -25.54
N PRO A 41 -19.36 27.97 -24.60
CA PRO A 41 -20.23 27.62 -23.47
C PRO A 41 -21.63 27.28 -23.90
N LYS A 42 -22.17 27.90 -24.95
CA LYS A 42 -23.53 27.55 -25.38
C LYS A 42 -23.56 26.08 -25.79
N LYS A 43 -22.58 25.63 -26.57
CA LYS A 43 -22.53 24.24 -27.00
C LYS A 43 -22.27 23.30 -25.83
N SER A 44 -21.32 23.65 -24.95
CA SER A 44 -21.01 22.77 -23.82
C SER A 44 -22.18 22.62 -22.87
N LEU A 45 -22.86 23.72 -22.54
CA LEU A 45 -24.01 23.65 -21.65
C LEU A 45 -25.14 22.79 -22.24
N ASP A 46 -25.34 22.95 -23.55
CA ASP A 46 -26.34 22.16 -24.23
C ASP A 46 -25.99 20.69 -24.08
N PHE A 47 -24.76 20.31 -24.40
CA PHE A 47 -24.33 18.92 -24.30
C PHE A 47 -24.44 18.34 -22.91
N TYR A 48 -23.82 18.96 -21.89
CA TYR A 48 -23.84 18.42 -20.54
C TYR A 48 -25.21 18.37 -19.89
N THR A 49 -26.13 19.28 -20.18
CA THR A 49 -27.46 19.25 -19.59
C THR A 49 -28.42 18.41 -20.46
N ARG A 50 -28.55 18.72 -21.74
CA ARG A 50 -29.47 17.99 -22.62
C ARG A 50 -29.02 16.57 -22.90
N VAL A 51 -27.78 16.32 -23.31
CA VAL A 51 -27.31 14.98 -23.56
C VAL A 51 -26.99 14.22 -22.27
N LEU A 52 -26.14 14.79 -21.40
CA LEU A 52 -25.74 14.00 -20.24
C LEU A 52 -26.66 14.10 -19.04
N GLY A 53 -27.59 15.03 -18.97
CA GLY A 53 -28.53 15.19 -17.89
C GLY A 53 -27.90 15.86 -16.67
N MET A 54 -26.82 16.63 -16.86
CA MET A 54 -26.22 17.28 -15.69
C MET A 54 -27.01 18.54 -15.39
N THR A 55 -26.81 19.17 -14.24
CA THR A 55 -27.50 20.42 -13.93
C THR A 55 -26.51 21.57 -13.74
N LEU A 56 -26.81 22.72 -14.35
CA LEU A 56 -25.94 23.89 -14.16
C LEU A 56 -26.24 24.42 -12.76
N ILE A 57 -25.31 24.28 -11.82
CA ILE A 57 -25.60 24.69 -10.44
C ILE A 57 -24.98 26.01 -10.06
N GLN A 58 -24.09 26.57 -10.87
CA GLN A 58 -23.52 27.88 -10.51
C GLN A 58 -22.80 28.45 -11.72
N LYS A 59 -22.94 29.74 -11.97
CA LYS A 59 -22.22 30.43 -13.04
C LYS A 59 -21.49 31.62 -12.40
N CYS A 60 -20.19 31.77 -12.61
CA CYS A 60 -19.44 32.88 -12.03
C CYS A 60 -18.71 33.60 -13.17
N ASP A 61 -18.81 34.91 -13.26
CA ASP A 61 -18.15 35.70 -14.26
C ASP A 61 -17.02 36.53 -13.68
N PHE A 62 -15.92 36.64 -14.42
CA PHE A 62 -14.77 37.46 -13.98
C PHE A 62 -14.43 38.40 -15.14
N PRO A 63 -15.17 39.52 -15.20
CA PRO A 63 -15.02 40.53 -16.22
C PRO A 63 -13.61 41.07 -16.39
N ILE A 64 -12.86 41.31 -15.33
CA ILE A 64 -11.52 41.86 -15.45
C ILE A 64 -10.56 40.88 -16.08
N MET A 65 -10.73 39.60 -15.78
CA MET A 65 -9.89 38.53 -16.31
C MET A 65 -10.49 37.89 -17.56
N LYS A 66 -11.69 38.35 -17.98
CA LYS A 66 -12.32 37.83 -19.17
C LYS A 66 -12.55 36.32 -19.23
N PHE A 67 -13.14 35.74 -18.19
CA PHE A 67 -13.48 34.31 -18.27
C PHE A 67 -14.71 34.10 -17.38
N SER A 68 -15.42 33.00 -17.60
CA SER A 68 -16.56 32.63 -16.76
C SER A 68 -16.30 31.19 -16.32
N LEU A 69 -16.96 30.74 -15.27
CA LEU A 69 -16.87 29.40 -14.75
C LEU A 69 -18.28 28.78 -14.67
N TYR A 70 -18.44 27.60 -15.28
CA TYR A 70 -19.74 26.97 -15.28
C TYR A 70 -19.71 25.69 -14.47
N PHE A 71 -20.44 25.60 -13.37
CA PHE A 71 -20.37 24.39 -12.56
C PHE A 71 -21.55 23.49 -12.87
N LEU A 72 -21.21 22.24 -13.20
CA LEU A 72 -22.24 21.27 -13.53
C LEU A 72 -22.08 20.05 -12.63
N ALA A 73 -23.20 19.44 -12.27
CA ALA A 73 -23.17 18.25 -11.44
C ALA A 73 -24.49 17.51 -11.58
N TYR A 74 -24.49 16.26 -11.15
CA TYR A 74 -25.73 15.51 -11.12
C TYR A 74 -26.40 15.83 -9.78
N GLU A 75 -27.20 16.90 -9.79
CA GLU A 75 -27.87 17.33 -8.57
C GLU A 75 -29.33 17.65 -8.91
N ASP A 76 -30.19 17.54 -7.91
CA ASP A 76 -31.60 17.95 -8.16
C ASP A 76 -31.59 19.45 -8.22
N LYS A 77 -32.15 20.09 -9.24
CA LYS A 77 -32.15 21.55 -9.32
C LYS A 77 -33.00 22.20 -8.24
N ASN A 78 -33.83 21.43 -7.53
CA ASN A 78 -34.64 21.94 -6.44
C ASN A 78 -33.78 22.14 -5.18
N ASP A 79 -32.61 21.53 -5.13
CA ASP A 79 -31.69 21.67 -4.02
C ASP A 79 -30.78 22.88 -4.13
N ILE A 80 -30.86 23.64 -5.23
CA ILE A 80 -29.96 24.79 -5.36
C ILE A 80 -30.48 25.87 -4.43
N PRO A 81 -29.71 26.22 -3.40
CA PRO A 81 -30.16 27.27 -2.47
C PRO A 81 -30.59 28.48 -3.25
N LYS A 82 -31.50 29.28 -2.69
CA LYS A 82 -31.95 30.51 -3.32
C LYS A 82 -31.05 31.70 -3.03
N GLU A 83 -30.55 31.90 -1.81
CA GLU A 83 -29.72 33.08 -1.58
C GLU A 83 -28.32 32.85 -2.14
N LYS A 84 -27.81 33.96 -2.65
CA LYS A 84 -26.52 34.01 -3.32
C LYS A 84 -25.42 33.34 -2.53
N ASP A 85 -25.11 33.85 -1.34
CA ASP A 85 -24.00 33.33 -0.56
C ASP A 85 -24.16 31.86 -0.21
N GLU A 86 -25.37 31.43 0.13
CA GLU A 86 -25.64 30.02 0.41
C GLU A 86 -25.40 29.16 -0.84
N LYS A 87 -25.88 29.58 -1.99
CA LYS A 87 -25.73 28.89 -3.26
C LYS A 87 -24.26 28.73 -3.62
N ILE A 88 -23.43 29.78 -3.46
CA ILE A 88 -22.01 29.60 -3.73
C ILE A 88 -21.40 28.50 -2.85
N ALA A 89 -21.59 28.55 -1.53
CA ALA A 89 -20.99 27.56 -0.65
C ALA A 89 -21.48 26.15 -0.98
N TRP A 90 -22.78 26.04 -1.31
CA TRP A 90 -23.33 24.72 -1.65
C TRP A 90 -22.76 24.21 -2.96
N ALA A 91 -22.70 25.08 -3.98
CA ALA A 91 -22.22 24.65 -5.28
C ALA A 91 -20.74 24.30 -5.24
N LEU A 92 -19.92 24.92 -4.41
CA LEU A 92 -18.51 24.55 -4.30
C LEU A 92 -18.25 23.40 -3.34
N SER A 93 -19.26 22.82 -2.69
CA SER A 93 -19.00 21.70 -1.80
C SER A 93 -19.71 20.44 -2.29
N ARG A 94 -20.12 20.37 -3.55
CA ARG A 94 -20.78 19.16 -4.05
C ARG A 94 -19.68 18.23 -4.55
N LYS A 95 -19.77 16.93 -4.30
CA LYS A 95 -18.80 16.01 -4.83
C LYS A 95 -19.06 15.88 -6.35
N ALA A 96 -18.02 15.50 -7.07
CA ALA A 96 -18.16 15.18 -8.49
C ALA A 96 -18.80 16.25 -9.35
N THR A 97 -18.24 17.46 -9.27
CA THR A 97 -18.76 18.54 -10.08
C THR A 97 -17.78 18.74 -11.23
N LEU A 98 -18.36 19.24 -12.32
CA LEU A 98 -17.60 19.49 -13.55
C LEU A 98 -17.61 21.01 -13.75
N GLU A 99 -16.39 21.54 -13.80
CA GLU A 99 -16.21 22.98 -13.92
C GLU A 99 -15.72 23.29 -15.32
N LEU A 100 -16.39 24.18 -16.02
CA LEU A 100 -16.00 24.51 -17.37
C LEU A 100 -15.53 25.95 -17.41
N THR A 101 -14.31 26.13 -17.91
CA THR A 101 -13.76 27.47 -17.99
C THR A 101 -13.90 28.00 -19.42
N HIS A 102 -14.53 29.15 -19.56
CA HIS A 102 -14.65 29.76 -20.88
C HIS A 102 -13.79 31.03 -20.93
N ASN A 103 -12.76 31.08 -21.76
CA ASN A 103 -12.00 32.32 -21.91
C ASN A 103 -12.74 33.09 -23.03
N TRP A 104 -13.32 34.22 -22.66
CA TRP A 104 -14.11 35.03 -23.58
C TRP A 104 -13.40 35.24 -24.91
N GLY A 105 -14.09 35.09 -26.04
CA GLY A 105 -13.53 35.31 -27.35
C GLY A 105 -13.16 34.07 -28.13
N THR A 106 -13.04 32.90 -27.47
CA THR A 106 -12.64 31.70 -28.22
C THR A 106 -13.64 31.24 -29.24
N GLU A 107 -14.93 31.41 -29.02
CA GLU A 107 -15.95 31.05 -30.00
C GLU A 107 -15.72 31.78 -31.33
N ASP A 108 -15.20 33.01 -31.33
CA ASP A 108 -14.95 33.70 -32.59
C ASP A 108 -13.64 33.31 -33.26
N ASP A 109 -12.72 32.57 -32.59
CA ASP A 109 -11.48 32.26 -33.27
C ASP A 109 -11.52 30.84 -33.84
N GLU A 110 -11.62 30.83 -35.18
CA GLU A 110 -11.76 29.63 -35.99
C GLU A 110 -10.47 28.80 -36.02
N THR A 111 -9.34 29.39 -35.66
CA THR A 111 -8.12 28.60 -35.53
C THR A 111 -7.99 28.04 -34.11
N GLN A 112 -8.75 28.55 -33.13
CA GLN A 112 -8.54 28.10 -31.76
C GLN A 112 -9.28 26.80 -31.46
N SER A 113 -8.64 25.99 -30.61
CA SER A 113 -9.26 24.78 -30.11
C SER A 113 -8.44 24.16 -28.97
N TYR A 114 -9.17 23.59 -28.02
CA TYR A 114 -8.53 23.00 -26.84
C TYR A 114 -8.06 21.58 -27.14
N HIS A 115 -7.05 21.13 -26.40
CA HIS A 115 -6.48 19.80 -26.66
C HIS A 115 -7.04 18.78 -25.68
N ASN A 116 -7.51 17.63 -26.12
CA ASN A 116 -8.18 16.66 -25.28
C ASN A 116 -7.28 15.72 -24.51
N GLY A 117 -5.96 15.79 -24.76
CA GLY A 117 -5.00 15.01 -23.99
C GLY A 117 -4.78 13.60 -24.48
N ASN A 118 -5.48 13.14 -25.51
CA ASN A 118 -5.37 11.77 -25.98
C ASN A 118 -4.45 11.63 -27.17
N SER A 119 -3.77 12.68 -27.56
CA SER A 119 -2.71 12.60 -28.56
C SER A 119 -1.58 13.47 -28.00
N ASP A 120 -0.35 13.25 -28.40
CA ASP A 120 0.77 14.03 -27.87
C ASP A 120 0.48 15.53 -27.93
N PRO A 121 0.80 16.25 -26.87
CA PRO A 121 1.32 15.63 -25.65
C PRO A 121 0.18 15.19 -24.74
N ARG A 122 0.25 13.97 -24.23
CA ARG A 122 -0.81 13.42 -23.39
C ARG A 122 -0.71 13.81 -21.93
N GLY A 123 -1.80 13.65 -21.21
CA GLY A 123 -1.83 13.88 -19.76
C GLY A 123 -3.18 13.30 -19.29
N PHE A 124 -4.09 14.20 -19.00
CA PHE A 124 -5.48 13.88 -18.71
C PHE A 124 -6.04 13.04 -19.86
N GLY A 125 -6.92 12.10 -19.61
CA GLY A 125 -7.47 11.33 -20.72
C GLY A 125 -8.96 11.46 -20.86
N HIS A 126 -9.71 11.44 -19.74
CA HIS A 126 -11.14 11.47 -19.84
C HIS A 126 -11.82 11.60 -18.48
N ILE A 127 -13.09 11.98 -18.51
CA ILE A 127 -13.98 11.92 -17.37
C ILE A 127 -14.85 10.68 -17.64
N GLY A 128 -15.61 10.21 -16.66
CA GLY A 128 -16.40 9.02 -16.88
C GLY A 128 -17.70 9.01 -16.07
N ILE A 129 -18.74 8.55 -16.73
CA ILE A 129 -20.10 8.48 -16.25
C ILE A 129 -20.49 7.02 -15.99
N ALA A 130 -21.15 6.73 -14.90
CA ALA A 130 -21.59 5.36 -14.62
C ALA A 130 -23.11 5.39 -14.86
N VAL A 131 -23.60 4.49 -15.69
CA VAL A 131 -24.98 4.44 -16.13
C VAL A 131 -25.55 3.03 -15.90
N PRO A 132 -26.86 2.91 -15.83
CA PRO A 132 -27.53 1.64 -15.62
C PRO A 132 -27.51 0.70 -16.82
N ASP A 133 -27.42 1.23 -18.02
CA ASP A 133 -27.36 0.43 -19.25
C ASP A 133 -26.53 1.13 -20.31
N VAL A 134 -25.32 0.68 -20.56
CA VAL A 134 -24.50 1.29 -21.62
C VAL A 134 -25.12 1.20 -23.01
N TYR A 135 -25.74 0.07 -23.35
CA TYR A 135 -26.33 -0.04 -24.69
C TYR A 135 -27.48 0.95 -24.88
N SER A 136 -28.37 1.07 -23.90
CA SER A 136 -29.50 2.00 -24.09
C SER A 136 -29.07 3.46 -24.01
N ALA A 137 -28.08 3.74 -23.14
CA ALA A 137 -27.55 5.09 -23.11
C ALA A 137 -26.93 5.42 -24.49
N CYS A 138 -26.13 4.53 -25.06
CA CYS A 138 -25.47 4.82 -26.33
C CYS A 138 -26.41 4.85 -27.54
N LYS A 139 -27.52 4.13 -27.42
CA LYS A 139 -28.54 4.17 -28.48
C LYS A 139 -29.18 5.56 -28.55
N ARG A 140 -29.45 6.15 -27.40
CA ARG A 140 -30.00 7.50 -27.32
C ARG A 140 -28.92 8.47 -27.83
N PHE A 141 -27.67 8.27 -27.38
CA PHE A 141 -26.61 9.18 -27.84
C PHE A 141 -26.49 9.19 -29.37
N GLU A 142 -26.52 8.02 -30.00
CA GLU A 142 -26.48 7.91 -31.45
C GLU A 142 -27.63 8.70 -32.10
N GLU A 143 -28.84 8.48 -31.60
CA GLU A 143 -30.03 9.17 -32.05
C GLU A 143 -29.83 10.69 -31.97
N LEU A 144 -29.18 11.18 -30.92
CA LEU A 144 -28.96 12.61 -30.79
C LEU A 144 -27.80 13.12 -31.61
N GLY A 145 -27.09 12.29 -32.37
CA GLY A 145 -25.95 12.74 -33.14
C GLY A 145 -24.66 12.85 -32.33
N VAL A 146 -24.55 12.26 -31.15
CA VAL A 146 -23.34 12.39 -30.34
C VAL A 146 -22.12 11.77 -31.02
N LYS A 147 -20.96 12.44 -30.96
CA LYS A 147 -19.77 11.81 -31.56
C LYS A 147 -19.17 10.70 -30.70
N PHE A 148 -18.78 9.57 -31.33
CA PHE A 148 -18.22 8.48 -30.59
C PHE A 148 -16.73 8.26 -30.89
N VAL A 149 -15.96 7.92 -29.87
CA VAL A 149 -14.58 7.47 -30.06
C VAL A 149 -14.71 5.93 -30.17
N LYS A 150 -15.60 5.41 -29.31
CA LYS A 150 -15.83 3.98 -29.22
C LYS A 150 -17.25 3.65 -28.78
N LYS A 151 -17.99 2.93 -29.60
CA LYS A 151 -19.31 2.45 -29.23
C LYS A 151 -19.11 1.22 -28.34
N PRO A 152 -20.16 0.80 -27.61
CA PRO A 152 -20.08 -0.26 -26.67
C PRO A 152 -19.36 -1.51 -27.18
N ASP A 153 -19.66 -2.00 -28.36
CA ASP A 153 -19.05 -3.17 -28.94
C ASP A 153 -18.00 -2.86 -29.98
N ASP A 154 -17.49 -1.64 -30.02
CA ASP A 154 -16.36 -1.33 -30.91
C ASP A 154 -15.06 -1.76 -30.22
N GLY A 155 -14.10 -2.28 -30.97
CA GLY A 155 -12.82 -2.65 -30.43
C GLY A 155 -12.80 -3.82 -29.46
N LYS A 156 -11.83 -3.78 -28.56
CA LYS A 156 -11.55 -4.87 -27.63
C LYS A 156 -12.52 -5.01 -26.46
N MET A 157 -12.66 -4.01 -25.61
CA MET A 157 -13.52 -4.14 -24.43
C MET A 157 -14.99 -4.00 -24.81
N LYS A 158 -15.84 -4.99 -24.54
CA LYS A 158 -17.23 -4.88 -24.90
C LYS A 158 -18.04 -4.33 -23.74
N GLY A 159 -19.12 -3.59 -24.04
CA GLY A 159 -19.95 -3.08 -22.95
C GLY A 159 -19.49 -1.75 -22.39
N LEU A 160 -18.55 -1.11 -23.06
CA LEU A 160 -17.94 0.13 -22.60
C LEU A 160 -17.82 1.09 -23.80
N ALA A 161 -18.08 2.37 -23.58
CA ALA A 161 -18.00 3.33 -24.67
C ALA A 161 -17.26 4.60 -24.26
N PHE A 162 -16.88 5.36 -25.28
CA PHE A 162 -16.24 6.65 -25.17
C PHE A 162 -16.91 7.59 -26.19
N ILE A 163 -17.50 8.65 -25.64
CA ILE A 163 -18.14 9.65 -26.45
C ILE A 163 -17.30 10.93 -26.35
N GLN A 164 -17.63 11.96 -27.12
CA GLN A 164 -16.89 13.21 -27.06
C GLN A 164 -17.86 14.37 -26.87
N ASP A 165 -17.39 15.35 -26.08
CA ASP A 165 -18.22 16.55 -25.90
C ASP A 165 -17.91 17.47 -27.08
N PRO A 166 -18.50 18.65 -27.14
CA PRO A 166 -18.27 19.63 -28.17
C PRO A 166 -16.83 20.07 -28.34
N ASP A 167 -15.93 20.02 -27.37
CA ASP A 167 -14.53 20.33 -27.58
C ASP A 167 -13.71 19.10 -27.94
N GLY A 168 -14.30 17.92 -28.06
CA GLY A 168 -13.49 16.72 -28.30
C GLY A 168 -13.05 15.98 -27.03
N TYR A 169 -13.38 16.42 -25.82
CA TYR A 169 -12.97 15.66 -24.62
C TYR A 169 -13.70 14.31 -24.56
N TRP A 170 -12.96 13.26 -24.23
CA TRP A 170 -13.45 11.92 -24.12
C TRP A 170 -14.23 11.74 -22.82
N ILE A 171 -15.37 11.04 -22.94
CA ILE A 171 -16.22 10.74 -21.80
C ILE A 171 -16.49 9.23 -21.78
N GLN A 172 -15.97 8.58 -20.74
CA GLN A 172 -16.19 7.14 -20.61
C GLN A 172 -17.65 6.86 -20.21
N ILE A 173 -18.26 5.85 -20.77
CA ILE A 173 -19.62 5.42 -20.49
C ILE A 173 -19.52 3.95 -20.03
N LEU A 174 -19.85 3.73 -18.76
CA LEU A 174 -19.64 2.42 -18.19
C LEU A 174 -20.76 1.98 -17.27
N ASN A 175 -20.98 0.67 -17.23
CA ASN A 175 -21.98 0.10 -16.30
C ASN A 175 -21.17 -0.72 -15.30
N PRO A 176 -20.99 -0.17 -14.11
CA PRO A 176 -20.24 -0.82 -13.06
C PRO A 176 -20.71 -2.21 -12.68
N ASN A 177 -21.96 -2.58 -12.86
CA ASN A 177 -22.44 -3.91 -12.55
C ASN A 177 -22.22 -4.90 -13.70
N LYS A 178 -21.55 -4.48 -14.78
CA LYS A 178 -21.25 -5.37 -15.88
C LYS A 178 -19.78 -5.44 -16.27
N MET A 179 -18.78 -5.48 -15.37
CA MET A 179 -17.40 -5.61 -15.81
C MET A 179 -16.94 -7.06 -16.04
N ALA A 180 -17.81 -8.05 -15.92
CA ALA A 180 -17.33 -9.43 -16.12
C ALA A 180 -17.17 -9.66 -17.61
N THR A 181 -18.09 -9.11 -18.39
CA THR A 181 -18.07 -9.17 -19.83
C THR A 181 -17.14 -8.15 -20.48
N LEU A 182 -16.43 -7.37 -19.68
CA LEU A 182 -15.51 -6.34 -20.17
C LEU A 182 -14.56 -6.94 -21.19
N MET A 183 -13.70 -7.83 -20.77
CA MET A 183 -12.78 -8.52 -21.66
C MET A 183 -13.10 -10.03 -21.60
N GLU B 2 -22.19 47.72 -37.76
CA GLU B 2 -22.28 46.86 -38.95
C GLU B 2 -21.63 45.51 -38.66
N PRO B 3 -20.34 45.44 -38.39
CA PRO B 3 -19.64 44.18 -38.12
C PRO B 3 -20.00 43.62 -36.75
N GLN B 4 -20.28 42.32 -36.65
CA GLN B 4 -20.69 41.72 -35.38
C GLN B 4 -19.63 41.84 -34.28
N PRO B 5 -20.09 42.21 -33.08
CA PRO B 5 -19.24 42.39 -31.92
C PRO B 5 -18.57 41.10 -31.48
N PRO B 6 -17.37 41.18 -30.93
CA PRO B 6 -16.67 40.03 -30.40
C PRO B 6 -17.56 39.37 -29.36
N SER B 7 -17.51 38.04 -29.23
CA SER B 7 -18.38 37.46 -28.18
C SER B 7 -17.72 37.73 -26.84
N GLY B 8 -18.50 38.03 -25.82
CA GLY B 8 -17.98 38.27 -24.47
C GLY B 8 -18.54 37.09 -23.64
N GLY B 9 -18.88 37.32 -22.37
CA GLY B 9 -19.37 36.15 -21.63
C GLY B 9 -20.88 36.08 -21.81
N LEU B 10 -21.49 34.94 -21.59
CA LEU B 10 -22.93 34.87 -21.66
C LEU B 10 -23.55 35.63 -20.48
N THR B 11 -24.79 36.08 -20.71
CA THR B 11 -25.53 36.64 -19.58
C THR B 11 -26.02 35.42 -18.81
N ASP B 12 -26.49 35.60 -17.58
CA ASP B 12 -27.08 34.49 -16.84
C ASP B 12 -28.22 33.85 -17.63
N GLU B 13 -29.07 34.70 -18.20
CA GLU B 13 -30.18 34.28 -19.03
C GLU B 13 -29.76 33.45 -20.24
N ALA B 14 -28.74 33.90 -20.96
CA ALA B 14 -28.26 33.19 -22.14
C ALA B 14 -27.72 31.82 -21.79
N ALA B 15 -27.11 31.66 -20.64
CA ALA B 15 -26.57 30.41 -20.15
C ALA B 15 -27.73 29.47 -19.82
N LEU B 16 -28.73 30.02 -19.14
CA LEU B 16 -29.92 29.25 -18.80
C LEU B 16 -30.65 28.83 -20.07
N SER B 17 -30.70 29.71 -21.09
CA SER B 17 -31.34 29.28 -22.34
C SER B 17 -30.70 28.09 -23.02
N CYS B 18 -29.45 27.73 -22.75
CA CYS B 18 -28.79 26.58 -23.33
C CYS B 18 -28.87 25.34 -22.43
N CYS B 19 -29.56 25.48 -21.29
CA CYS B 19 -29.66 24.34 -20.39
C CYS B 19 -31.01 23.65 -20.54
N SER B 20 -30.97 22.33 -20.67
CA SER B 20 -32.21 21.57 -20.72
C SER B 20 -32.34 20.70 -19.48
N ASP B 21 -33.55 20.48 -19.00
CA ASP B 21 -33.85 19.58 -17.91
C ASP B 21 -33.33 18.17 -18.25
N ALA B 22 -32.94 17.41 -17.26
CA ALA B 22 -32.44 16.08 -17.50
C ALA B 22 -33.55 15.19 -18.08
N ASP B 23 -33.24 14.47 -19.15
CA ASP B 23 -34.16 13.46 -19.68
C ASP B 23 -34.23 12.34 -18.62
N PRO B 24 -35.40 11.72 -18.48
CA PRO B 24 -35.60 10.62 -17.55
C PRO B 24 -34.68 9.45 -17.86
N SER B 25 -34.17 9.24 -19.07
CA SER B 25 -33.21 8.19 -19.31
C SER B 25 -31.84 8.42 -18.65
N THR B 26 -31.51 9.66 -18.27
CA THR B 26 -30.24 9.92 -17.61
C THR B 26 -30.38 9.95 -16.09
N LYS B 27 -31.54 9.62 -15.60
CA LYS B 27 -31.87 9.61 -14.18
C LYS B 27 -30.76 9.25 -13.20
N ASP B 28 -30.16 8.09 -13.34
CA ASP B 28 -29.20 7.57 -12.38
C ASP B 28 -27.76 7.69 -12.86
N PHE B 29 -27.51 8.42 -13.95
CA PHE B 29 -26.14 8.66 -14.35
C PHE B 29 -25.44 9.38 -13.19
N LEU B 30 -24.17 9.10 -12.95
CA LEU B 30 -23.36 9.84 -12.00
C LEU B 30 -21.96 10.05 -12.62
N LEU B 31 -21.28 11.10 -12.25
CA LEU B 31 -19.95 11.45 -12.72
C LEU B 31 -18.98 10.68 -11.82
N GLN B 32 -18.47 9.56 -12.28
CA GLN B 32 -17.76 8.59 -11.45
C GLN B 32 -16.27 8.80 -11.39
N GLU B 33 -15.64 9.30 -12.45
CA GLU B 33 -14.19 9.42 -12.43
C GLU B 33 -13.61 10.50 -13.32
N THR B 34 -12.38 10.81 -12.99
CA THR B 34 -11.48 11.66 -13.75
C THR B 34 -10.17 10.88 -13.91
N MET B 35 -9.69 10.77 -15.13
CA MET B 35 -8.52 9.97 -15.43
C MET B 35 -7.31 10.82 -15.78
N LEU B 36 -6.20 10.59 -15.09
CA LEU B 36 -4.93 11.22 -15.34
C LEU B 36 -3.86 10.14 -15.55
N ARG B 37 -2.97 10.31 -16.51
CA ARG B 37 -1.87 9.39 -16.76
C ARG B 37 -0.74 9.79 -15.82
N VAL B 38 -0.13 8.84 -15.11
CA VAL B 38 0.94 9.16 -14.18
C VAL B 38 2.21 8.40 -14.55
N LYS B 39 3.33 9.13 -14.50
CA LYS B 39 4.62 8.59 -14.88
C LYS B 39 5.04 7.43 -13.97
N ASP B 40 4.95 7.69 -12.67
CA ASP B 40 5.39 6.75 -11.64
C ASP B 40 4.31 6.56 -10.60
N PRO B 41 3.65 5.42 -10.62
CA PRO B 41 2.56 5.11 -9.70
C PRO B 41 2.95 5.07 -8.23
N LYS B 42 4.21 4.75 -7.91
CA LYS B 42 4.68 4.75 -6.52
C LYS B 42 4.64 6.17 -5.97
N LYS B 43 5.14 7.13 -6.74
CA LYS B 43 5.10 8.53 -6.30
C LYS B 43 3.67 9.03 -6.22
N SER B 44 2.80 8.72 -7.19
CA SER B 44 1.42 9.23 -7.17
C SER B 44 0.64 8.58 -6.04
N LEU B 45 0.79 7.27 -5.82
CA LEU B 45 0.07 6.66 -4.69
C LEU B 45 0.47 7.33 -3.37
N ASP B 46 1.76 7.59 -3.19
CA ASP B 46 2.22 8.22 -1.95
C ASP B 46 1.60 9.60 -1.80
N PHE B 47 1.63 10.39 -2.87
CA PHE B 47 1.09 11.74 -2.84
C PHE B 47 -0.39 11.74 -2.54
N TYR B 48 -1.16 10.99 -3.34
CA TYR B 48 -2.61 11.04 -3.14
C TYR B 48 -3.07 10.50 -1.79
N THR B 49 -2.41 9.47 -1.26
CA THR B 49 -2.83 8.89 0.00
C THR B 49 -2.22 9.61 1.18
N ARG B 50 -0.89 9.79 1.20
CA ARG B 50 -0.23 10.45 2.32
C ARG B 50 -0.49 11.95 2.32
N VAL B 51 -0.30 12.68 1.23
CA VAL B 51 -0.52 14.12 1.27
C VAL B 51 -1.99 14.49 1.32
N LEU B 52 -2.79 13.96 0.40
CA LEU B 52 -4.21 14.32 0.33
C LEU B 52 -5.16 13.42 1.08
N GLY B 53 -4.75 12.29 1.65
CA GLY B 53 -5.66 11.45 2.44
C GLY B 53 -6.72 10.69 1.67
N MET B 54 -6.51 10.44 0.39
CA MET B 54 -7.44 9.64 -0.40
C MET B 54 -7.15 8.18 -0.07
N THR B 55 -8.00 7.28 -0.51
CA THR B 55 -7.81 5.85 -0.34
C THR B 55 -7.77 5.13 -1.69
N LEU B 56 -6.81 4.26 -1.89
CA LEU B 56 -6.72 3.35 -3.01
C LEU B 56 -7.84 2.32 -2.86
N ILE B 57 -8.85 2.41 -3.72
CA ILE B 57 -10.02 1.53 -3.59
C ILE B 57 -10.03 0.39 -4.58
N GLN B 58 -9.21 0.45 -5.63
CA GLN B 58 -9.16 -0.62 -6.62
C GLN B 58 -7.92 -0.46 -7.50
N LYS B 59 -7.29 -1.58 -7.86
CA LYS B 59 -6.12 -1.64 -8.72
C LYS B 59 -6.42 -2.67 -9.81
N CYS B 60 -6.25 -2.35 -11.06
CA CYS B 60 -6.52 -3.24 -12.17
C CYS B 60 -5.30 -3.30 -13.08
N ASP B 61 -4.86 -4.49 -13.49
CA ASP B 61 -3.67 -4.62 -14.32
C ASP B 61 -4.03 -5.28 -15.65
N PHE B 62 -3.47 -4.78 -16.72
CA PHE B 62 -3.73 -5.25 -18.09
C PHE B 62 -2.37 -5.61 -18.70
N PRO B 63 -1.96 -6.87 -18.48
CA PRO B 63 -0.65 -7.33 -18.89
C PRO B 63 -0.38 -7.31 -20.38
N ILE B 64 -1.35 -7.63 -21.23
CA ILE B 64 -1.09 -7.57 -22.67
C ILE B 64 -0.94 -6.12 -23.12
N MET B 65 -1.73 -5.20 -22.59
CA MET B 65 -1.66 -3.79 -22.97
C MET B 65 -0.64 -3.01 -22.17
N LYS B 66 -0.03 -3.67 -21.17
CA LYS B 66 1.02 -3.02 -20.40
C LYS B 66 0.59 -1.75 -19.71
N PHE B 67 -0.48 -1.84 -18.92
CA PHE B 67 -0.89 -0.67 -18.17
C PHE B 67 -1.68 -1.14 -16.92
N SER B 68 -1.64 -0.28 -15.91
CA SER B 68 -2.38 -0.52 -14.70
C SER B 68 -3.26 0.73 -14.47
N LEU B 69 -4.34 0.55 -13.74
CA LEU B 69 -5.26 1.56 -13.34
C LEU B 69 -5.37 1.54 -11.80
N TYR B 70 -5.28 2.71 -11.21
CA TYR B 70 -5.39 2.84 -9.77
C TYR B 70 -6.58 3.76 -9.48
N PHE B 71 -7.54 3.28 -8.70
CA PHE B 71 -8.72 4.13 -8.41
C PHE B 71 -8.60 4.68 -7.00
N LEU B 72 -8.58 5.99 -6.90
CA LEU B 72 -8.50 6.67 -5.61
C LEU B 72 -9.79 7.44 -5.34
N ALA B 73 -10.16 7.45 -4.04
CA ALA B 73 -11.36 8.18 -3.65
C ALA B 73 -11.33 8.50 -2.17
N TYR B 74 -12.17 9.44 -1.75
CA TYR B 74 -12.30 9.77 -0.35
C TYR B 74 -13.38 8.85 0.24
N GLU B 75 -12.97 7.65 0.61
CA GLU B 75 -13.86 6.64 1.14
C GLU B 75 -13.22 5.99 2.37
N ASP B 76 -14.09 5.54 3.27
CA ASP B 76 -13.65 4.75 4.42
C ASP B 76 -13.17 3.42 3.88
N LYS B 77 -11.94 3.00 4.15
CA LYS B 77 -11.43 1.71 3.67
C LYS B 77 -12.19 0.52 4.25
N ASN B 78 -12.99 0.69 5.30
CA ASN B 78 -13.81 -0.39 5.84
C ASN B 78 -15.03 -0.69 4.99
N ASP B 79 -15.34 0.21 4.05
CA ASP B 79 -16.49 0.07 3.16
C ASP B 79 -16.12 -0.73 1.93
N ILE B 80 -14.83 -0.99 1.74
CA ILE B 80 -14.38 -1.75 0.57
C ILE B 80 -14.79 -3.19 0.75
N PRO B 81 -15.71 -3.70 -0.06
CA PRO B 81 -16.13 -5.08 0.02
C PRO B 81 -14.93 -6.01 -0.07
N LYS B 82 -15.06 -7.21 0.50
CA LYS B 82 -13.92 -8.13 0.42
C LYS B 82 -14.08 -9.01 -0.81
N GLU B 83 -15.29 -9.31 -1.26
CA GLU B 83 -15.35 -10.23 -2.43
C GLU B 83 -14.99 -9.41 -3.67
N LYS B 84 -14.06 -9.96 -4.44
CA LYS B 84 -13.51 -9.38 -5.65
C LYS B 84 -14.53 -8.74 -6.56
N ASP B 85 -15.54 -9.48 -7.00
CA ASP B 85 -16.54 -8.96 -7.93
C ASP B 85 -17.41 -7.89 -7.31
N GLU B 86 -17.71 -8.05 -6.02
CA GLU B 86 -18.45 -7.03 -5.30
C GLU B 86 -17.59 -5.78 -5.11
N LYS B 87 -16.27 -5.98 -4.97
CA LYS B 87 -15.35 -4.87 -4.77
C LYS B 87 -15.26 -3.98 -6.00
N ILE B 88 -15.10 -4.62 -7.15
CA ILE B 88 -15.02 -3.94 -8.43
C ILE B 88 -16.29 -3.16 -8.70
N ALA B 89 -17.46 -3.77 -8.50
CA ALA B 89 -18.74 -3.12 -8.77
C ALA B 89 -18.92 -1.88 -7.88
N TRP B 90 -18.46 -1.95 -6.65
CA TRP B 90 -18.52 -0.85 -5.68
C TRP B 90 -17.46 0.18 -6.00
N ALA B 91 -16.22 -0.27 -6.28
CA ALA B 91 -15.15 0.68 -6.60
C ALA B 91 -15.47 1.48 -7.85
N LEU B 92 -16.15 0.91 -8.85
CA LEU B 92 -16.47 1.66 -10.05
C LEU B 92 -17.82 2.37 -9.98
N SER B 93 -18.54 2.27 -8.86
CA SER B 93 -19.82 2.97 -8.76
C SER B 93 -19.77 4.13 -7.76
N ARG B 94 -18.57 4.63 -7.44
CA ARG B 94 -18.47 5.74 -6.49
C ARG B 94 -18.39 7.08 -7.23
N LYS B 95 -18.99 8.10 -6.64
CA LYS B 95 -18.88 9.46 -7.15
C LYS B 95 -17.45 9.97 -6.86
N ALA B 96 -17.01 10.90 -7.68
CA ALA B 96 -15.73 11.56 -7.53
C ALA B 96 -14.55 10.64 -7.24
N THR B 97 -14.26 9.75 -8.18
CA THR B 97 -13.08 8.93 -8.09
C THR B 97 -12.00 9.48 -9.03
N LEU B 98 -10.76 9.18 -8.63
CA LEU B 98 -9.62 9.63 -9.45
C LEU B 98 -8.98 8.39 -10.01
N GLU B 99 -8.91 8.26 -11.33
CA GLU B 99 -8.28 7.08 -11.94
C GLU B 99 -6.92 7.47 -12.48
N LEU B 100 -5.91 6.78 -12.01
CA LEU B 100 -4.54 7.03 -12.42
C LEU B 100 -4.12 5.88 -13.33
N THR B 101 -3.71 6.25 -14.51
CA THR B 101 -3.32 5.28 -15.53
C THR B 101 -1.80 5.24 -15.59
N HIS B 102 -1.22 4.10 -15.32
CA HIS B 102 0.22 3.88 -15.41
C HIS B 102 0.58 3.08 -16.66
N ASN B 103 1.30 3.69 -17.59
CA ASN B 103 1.74 2.94 -18.78
C ASN B 103 3.08 2.33 -18.41
N TRP B 104 3.21 1.02 -18.32
CA TRP B 104 4.40 0.37 -17.85
C TRP B 104 5.65 0.91 -18.52
N GLY B 105 6.67 1.23 -17.73
CA GLY B 105 7.97 1.63 -18.25
C GLY B 105 8.21 3.12 -18.24
N THR B 106 7.17 3.97 -18.12
CA THR B 106 7.40 5.41 -18.08
C THR B 106 8.25 5.84 -16.87
N GLU B 107 8.22 5.17 -15.74
CA GLU B 107 9.01 5.48 -14.58
C GLU B 107 10.52 5.50 -14.92
N ASP B 108 10.94 4.59 -15.78
CA ASP B 108 12.32 4.39 -16.15
C ASP B 108 12.77 5.23 -17.33
N ASP B 109 11.86 5.91 -18.00
CA ASP B 109 12.19 6.67 -19.20
C ASP B 109 12.46 8.14 -18.89
N GLU B 110 13.71 8.53 -18.80
CA GLU B 110 14.13 9.89 -18.48
C GLU B 110 13.71 10.95 -19.48
N THR B 111 13.26 10.63 -20.67
CA THR B 111 12.87 11.66 -21.61
C THR B 111 11.35 11.78 -21.65
N GLN B 112 10.66 11.00 -20.82
CA GLN B 112 9.20 11.00 -20.85
C GLN B 112 8.63 11.78 -19.67
N SER B 113 7.51 12.45 -19.93
CA SER B 113 6.72 13.14 -18.95
C SER B 113 5.37 13.50 -19.56
N TYR B 114 4.34 13.54 -18.74
CA TYR B 114 3.00 13.90 -19.22
C TYR B 114 2.84 15.42 -19.19
N HIS B 115 1.83 15.91 -19.85
CA HIS B 115 1.52 17.32 -19.98
C HIS B 115 0.32 17.68 -19.10
N ASN B 116 0.40 18.75 -18.33
CA ASN B 116 -0.62 19.09 -17.34
C ASN B 116 -1.76 19.96 -17.86
N GLY B 117 -1.64 20.40 -19.11
CA GLY B 117 -2.69 21.16 -19.76
C GLY B 117 -2.70 22.64 -19.47
N ASN B 118 -1.77 23.13 -18.65
CA ASN B 118 -1.80 24.58 -18.35
C ASN B 118 -0.83 25.39 -19.17
N SER B 119 -0.31 24.84 -20.24
CA SER B 119 0.57 25.55 -21.17
C SER B 119 0.24 24.94 -22.52
N ASP B 120 0.53 25.60 -23.62
CA ASP B 120 0.10 25.07 -24.92
C ASP B 120 0.64 23.67 -25.17
N PRO B 121 -0.22 22.84 -25.75
CA PRO B 121 -1.60 23.18 -26.02
C PRO B 121 -2.46 22.89 -24.79
N ARG B 122 -3.34 23.81 -24.47
CA ARG B 122 -4.15 23.66 -23.27
C ARG B 122 -5.46 22.91 -23.47
N GLY B 123 -6.03 22.43 -22.36
CA GLY B 123 -7.33 21.79 -22.34
C GLY B 123 -7.75 21.65 -20.86
N PHE B 124 -7.60 20.45 -20.34
CA PHE B 124 -7.83 20.17 -18.95
C PHE B 124 -7.00 21.17 -18.15
N GLY B 125 -7.49 21.55 -16.98
CA GLY B 125 -6.73 22.46 -16.15
C GLY B 125 -6.28 21.91 -14.81
N HIS B 126 -7.22 21.30 -14.07
CA HIS B 126 -6.95 20.84 -12.74
C HIS B 126 -8.12 20.08 -12.12
N ILE B 127 -7.80 19.43 -11.02
CA ILE B 127 -8.79 18.79 -10.17
C ILE B 127 -8.84 19.73 -8.95
N GLY B 128 -9.89 19.63 -8.14
CA GLY B 128 -9.97 20.50 -6.97
C GLY B 128 -10.53 19.74 -5.77
N ILE B 129 -9.93 20.08 -4.63
CA ILE B 129 -10.30 19.51 -3.33
C ILE B 129 -10.98 20.58 -2.46
N ALA B 130 -12.01 20.22 -1.74
CA ALA B 130 -12.62 21.17 -0.79
C ALA B 130 -12.13 20.76 0.61
N VAL B 131 -11.60 21.70 1.38
CA VAL B 131 -11.03 21.46 2.69
C VAL B 131 -11.61 22.44 3.72
N PRO B 132 -11.57 22.06 4.99
CA PRO B 132 -12.06 22.87 6.07
C PRO B 132 -11.27 24.13 6.35
N ASP B 133 -9.98 24.13 6.03
CA ASP B 133 -9.14 25.29 6.36
C ASP B 133 -7.96 25.33 5.40
N VAL B 134 -7.98 26.27 4.47
CA VAL B 134 -6.93 26.35 3.45
C VAL B 134 -5.56 26.65 4.05
N TYR B 135 -5.52 27.58 5.00
CA TYR B 135 -4.27 28.00 5.61
C TYR B 135 -3.59 26.90 6.37
N SER B 136 -4.30 26.15 7.23
CA SER B 136 -3.60 25.03 7.90
C SER B 136 -3.31 23.89 6.94
N ALA B 137 -4.15 23.71 5.92
CA ALA B 137 -3.93 22.67 4.91
C ALA B 137 -2.61 22.97 4.17
N CYS B 138 -2.37 24.21 3.81
CA CYS B 138 -1.20 24.64 3.06
C CYS B 138 0.05 24.69 3.94
N LYS B 139 -0.15 24.98 5.23
CA LYS B 139 0.93 24.91 6.20
C LYS B 139 1.43 23.46 6.23
N ARG B 140 0.48 22.52 6.41
CA ARG B 140 0.89 21.12 6.40
C ARG B 140 1.55 20.75 5.05
N PHE B 141 0.97 21.20 3.94
CA PHE B 141 1.56 20.85 2.65
C PHE B 141 3.01 21.31 2.57
N GLU B 142 3.25 22.54 3.01
CA GLU B 142 4.54 23.16 3.09
C GLU B 142 5.51 22.32 3.92
N GLU B 143 5.09 21.90 5.11
CA GLU B 143 5.93 21.03 5.94
C GLU B 143 6.23 19.70 5.25
N LEU B 144 5.43 19.28 4.27
CA LEU B 144 5.65 18.03 3.57
C LEU B 144 6.45 18.16 2.28
N GLY B 145 6.83 19.36 1.87
CA GLY B 145 7.61 19.56 0.65
C GLY B 145 6.78 19.47 -0.62
N VAL B 146 5.50 19.78 -0.53
CA VAL B 146 4.62 19.79 -1.71
C VAL B 146 4.93 21.04 -2.52
N LYS B 147 4.88 20.87 -3.85
CA LYS B 147 5.07 21.98 -4.77
C LYS B 147 3.80 22.81 -4.91
N PHE B 148 3.95 24.12 -4.85
CA PHE B 148 2.82 25.02 -5.07
C PHE B 148 2.87 25.67 -6.45
N VAL B 149 1.70 25.84 -7.05
CA VAL B 149 1.55 26.67 -8.23
C VAL B 149 1.10 28.05 -7.71
N LYS B 150 0.27 28.02 -6.66
CA LYS B 150 -0.24 29.28 -6.08
C LYS B 150 -0.46 29.13 -4.59
N LYS B 151 0.21 30.02 -3.85
CA LYS B 151 0.05 30.07 -2.39
C LYS B 151 -1.23 30.80 -2.06
N PRO B 152 -1.87 30.48 -0.94
CA PRO B 152 -3.17 31.01 -0.57
C PRO B 152 -3.30 32.53 -0.60
N ASP B 153 -2.33 33.27 -0.13
CA ASP B 153 -2.35 34.72 -0.12
C ASP B 153 -1.55 35.37 -1.23
N ASP B 154 -1.33 34.70 -2.35
CA ASP B 154 -0.61 35.28 -3.47
C ASP B 154 -1.60 35.49 -4.62
N GLY B 155 -1.39 36.48 -5.49
CA GLY B 155 -2.28 36.65 -6.63
C GLY B 155 -3.57 37.32 -6.21
N LYS B 156 -4.51 37.46 -7.14
CA LYS B 156 -5.76 38.15 -6.87
C LYS B 156 -6.64 37.53 -5.81
N MET B 157 -6.97 36.26 -6.02
CA MET B 157 -7.85 35.54 -5.11
C MET B 157 -7.11 35.08 -3.85
N LYS B 158 -7.51 35.52 -2.69
CA LYS B 158 -6.94 35.08 -1.43
C LYS B 158 -7.71 33.86 -0.89
N GLY B 159 -7.08 33.08 -0.02
CA GLY B 159 -7.71 31.90 0.57
C GLY B 159 -7.91 30.75 -0.42
N LEU B 160 -7.18 30.78 -1.52
CA LEU B 160 -7.32 29.78 -2.55
C LEU B 160 -5.91 29.40 -2.99
N ALA B 161 -5.65 28.10 -3.10
CA ALA B 161 -4.32 27.67 -3.46
C ALA B 161 -4.35 26.63 -4.56
N PHE B 162 -3.20 26.52 -5.21
CA PHE B 162 -2.98 25.52 -6.22
C PHE B 162 -1.68 24.79 -5.85
N ILE B 163 -1.76 23.47 -5.72
CA ILE B 163 -0.57 22.63 -5.55
C ILE B 163 -0.48 21.71 -6.78
N GLN B 164 0.62 20.98 -6.87
CA GLN B 164 0.91 20.08 -7.96
C GLN B 164 1.26 18.69 -7.44
N ASP B 165 0.84 17.67 -8.17
CA ASP B 165 1.09 16.27 -7.82
C ASP B 165 2.45 15.93 -8.44
N PRO B 166 2.93 14.70 -8.32
CA PRO B 166 4.26 14.32 -8.82
C PRO B 166 4.40 14.44 -10.34
N ASP B 167 3.32 14.47 -11.13
CA ASP B 167 3.44 14.64 -12.56
C ASP B 167 3.31 16.10 -12.98
N GLY B 168 3.01 17.00 -12.04
CA GLY B 168 2.83 18.39 -12.39
C GLY B 168 1.36 18.78 -12.61
N TYR B 169 0.41 17.86 -12.44
CA TYR B 169 -0.99 18.26 -12.56
C TYR B 169 -1.37 19.22 -11.42
N TRP B 170 -2.15 20.25 -11.73
CA TRP B 170 -2.58 21.24 -10.78
C TRP B 170 -3.76 20.73 -9.97
N ILE B 171 -3.78 21.09 -8.69
CA ILE B 171 -4.83 20.74 -7.75
C ILE B 171 -5.25 21.98 -6.96
N GLN B 172 -6.52 22.37 -7.20
CA GLN B 172 -7.11 23.48 -6.48
C GLN B 172 -7.40 23.08 -5.04
N ILE B 173 -7.15 24.03 -4.14
CA ILE B 173 -7.40 23.86 -2.72
C ILE B 173 -8.30 25.02 -2.25
N LEU B 174 -9.51 24.65 -1.83
CA LEU B 174 -10.44 25.73 -1.43
C LEU B 174 -11.31 25.38 -0.26
N ASN B 175 -11.78 26.41 0.41
CA ASN B 175 -12.73 26.34 1.51
C ASN B 175 -14.05 26.93 1.00
N PRO B 176 -14.98 26.06 0.64
CA PRO B 176 -16.27 26.45 0.07
C PRO B 176 -17.06 27.44 0.92
N ASN B 177 -16.92 27.36 2.25
CA ASN B 177 -17.62 28.21 3.18
C ASN B 177 -16.97 29.59 3.33
N LYS B 178 -15.88 29.87 2.62
CA LYS B 178 -15.30 31.21 2.70
C LYS B 178 -15.18 31.87 1.34
N MET B 179 -15.64 31.25 0.27
CA MET B 179 -15.52 31.79 -1.08
C MET B 179 -16.42 32.99 -1.34
N ALA B 180 -17.67 32.99 -0.87
CA ALA B 180 -18.57 34.12 -1.09
C ALA B 180 -17.93 35.47 -0.74
N THR B 181 -17.17 35.55 0.34
CA THR B 181 -16.52 36.76 0.77
C THR B 181 -15.33 37.19 -0.06
N LEU B 182 -14.75 36.29 -0.85
CA LEU B 182 -13.61 36.64 -1.71
C LEU B 182 -14.10 36.78 -3.15
N MET B 183 -15.40 37.03 -3.28
CA MET B 183 -16.08 37.24 -4.55
C MET B 183 -17.13 38.35 -4.37
N SER C 7 -8.90 1.21 23.35
CA SER C 7 -7.65 1.53 24.00
C SER C 7 -6.68 2.11 22.98
N GLY C 8 -5.84 3.07 23.38
CA GLY C 8 -4.81 3.61 22.49
C GLY C 8 -3.56 2.78 22.78
N GLY C 9 -2.37 3.36 22.79
CA GLY C 9 -1.20 2.51 23.04
C GLY C 9 -0.84 2.44 24.52
N LEU C 10 -0.01 1.46 24.90
CA LEU C 10 0.43 1.42 26.28
C LEU C 10 1.39 2.59 26.50
N THR C 11 1.39 3.09 27.73
CA THR C 11 2.38 4.10 28.08
C THR C 11 3.66 3.31 28.33
N ASP C 12 4.77 4.05 28.34
CA ASP C 12 6.04 3.40 28.70
C ASP C 12 5.98 2.79 30.09
N GLU C 13 5.34 3.47 31.05
CA GLU C 13 5.28 3.00 32.44
C GLU C 13 4.49 1.70 32.59
N ALA C 14 3.38 1.60 31.88
CA ALA C 14 2.53 0.41 31.86
C ALA C 14 3.22 -0.76 31.18
N ALA C 15 3.91 -0.50 30.06
CA ALA C 15 4.69 -1.53 29.39
C ALA C 15 5.75 -2.14 30.32
N LEU C 16 6.53 -1.30 30.99
CA LEU C 16 7.55 -1.78 31.92
C LEU C 16 6.91 -2.52 33.09
N SER C 17 5.77 -2.05 33.58
CA SER C 17 5.07 -2.72 34.68
C SER C 17 4.68 -4.16 34.32
N CYS C 18 4.28 -4.36 33.08
CA CYS C 18 3.97 -5.67 32.53
C CYS C 18 5.22 -6.52 32.27
N CYS C 19 6.44 -6.04 32.44
CA CYS C 19 7.63 -6.86 32.26
C CYS C 19 8.18 -7.37 33.59
N SER C 20 8.57 -8.64 33.66
CA SER C 20 9.19 -9.18 34.86
C SER C 20 10.69 -9.36 34.62
N ASP C 21 11.48 -9.36 35.70
CA ASP C 21 12.91 -9.62 35.57
C ASP C 21 13.13 -11.09 35.12
N ALA C 22 14.26 -11.39 34.52
CA ALA C 22 14.58 -12.74 34.09
C ALA C 22 14.76 -13.73 35.24
N ASP C 23 13.88 -14.71 35.36
CA ASP C 23 14.04 -15.73 36.41
C ASP C 23 15.35 -16.47 36.19
N PRO C 24 16.03 -16.83 37.29
CA PRO C 24 17.27 -17.59 37.28
C PRO C 24 17.12 -18.87 36.49
N SER C 25 15.92 -19.48 36.45
CA SER C 25 15.68 -20.65 35.65
C SER C 25 15.69 -20.38 34.15
N THR C 26 15.72 -19.15 33.67
CA THR C 26 15.86 -18.89 32.24
C THR C 26 17.30 -18.51 31.91
N LYS C 27 18.21 -18.69 32.85
CA LYS C 27 19.61 -18.35 32.59
C LYS C 27 20.11 -19.17 31.41
N ASP C 28 20.79 -18.53 30.46
CA ASP C 28 21.31 -19.16 29.27
C ASP C 28 20.28 -19.44 28.18
N PHE C 29 19.01 -19.10 28.38
CA PHE C 29 18.05 -19.31 27.30
C PHE C 29 18.47 -18.45 26.12
N LEU C 30 18.35 -18.95 24.90
CA LEU C 30 18.62 -18.08 23.76
C LEU C 30 17.59 -18.29 22.65
N LEU C 31 17.31 -17.20 21.96
CA LEU C 31 16.38 -17.21 20.83
C LEU C 31 17.21 -17.72 19.65
N GLN C 32 17.00 -18.98 19.35
CA GLN C 32 17.83 -19.67 18.35
C GLN C 32 17.36 -19.66 16.93
N GLU C 33 16.05 -19.66 16.66
CA GLU C 33 15.57 -19.80 15.29
C GLU C 33 14.21 -19.19 15.04
N THR C 34 13.96 -18.99 13.76
CA THR C 34 12.70 -18.56 13.18
C THR C 34 12.46 -19.57 12.02
N MET C 35 11.31 -20.21 11.98
CA MET C 35 11.08 -21.27 11.01
C MET C 35 10.05 -20.81 9.96
N LEU C 36 10.35 -21.00 8.69
CA LEU C 36 9.46 -20.64 7.61
C LEU C 36 9.36 -21.86 6.66
N ARG C 37 8.20 -22.10 6.09
CA ARG C 37 7.98 -23.18 5.15
C ARG C 37 8.32 -22.68 3.74
N VAL C 38 9.11 -23.44 3.00
CA VAL C 38 9.50 -23.04 1.66
C VAL C 38 9.03 -24.06 0.63
N LYS C 39 8.38 -23.57 -0.41
CA LYS C 39 7.90 -24.40 -1.51
C LYS C 39 9.04 -25.12 -2.23
N ASP C 40 10.12 -24.42 -2.52
CA ASP C 40 11.24 -24.93 -3.31
C ASP C 40 12.58 -24.60 -2.64
N PRO C 41 13.24 -25.58 -2.06
CA PRO C 41 14.52 -25.42 -1.38
C PRO C 41 15.65 -24.97 -2.29
N LYS C 42 15.66 -25.39 -3.56
CA LYS C 42 16.70 -24.91 -4.46
C LYS C 42 16.60 -23.39 -4.60
N LYS C 43 15.40 -22.85 -4.83
CA LYS C 43 15.20 -21.43 -4.92
C LYS C 43 15.52 -20.66 -3.66
N SER C 44 15.02 -21.16 -2.54
CA SER C 44 15.26 -20.51 -1.25
C SER C 44 16.75 -20.55 -0.89
N LEU C 45 17.44 -21.65 -1.13
CA LEU C 45 18.86 -21.71 -0.76
C LEU C 45 19.67 -20.72 -1.59
N ASP C 46 19.30 -20.62 -2.89
CA ASP C 46 19.98 -19.65 -3.75
C ASP C 46 19.80 -18.23 -3.25
N PHE C 47 18.54 -17.88 -2.93
CA PHE C 47 18.28 -16.52 -2.45
C PHE C 47 19.00 -16.18 -1.15
N TYR C 48 18.86 -16.99 -0.09
CA TYR C 48 19.47 -16.68 1.19
C TYR C 48 20.99 -16.70 1.20
N THR C 49 21.64 -17.55 0.41
CA THR C 49 23.11 -17.58 0.38
C THR C 49 23.62 -16.61 -0.68
N ARG C 50 23.20 -16.69 -1.94
CA ARG C 50 23.69 -15.73 -2.95
C ARG C 50 23.18 -14.31 -2.72
N VAL C 51 21.86 -14.08 -2.53
CA VAL C 51 21.41 -12.71 -2.34
C VAL C 51 21.68 -12.15 -0.94
N LEU C 52 21.30 -12.92 0.10
CA LEU C 52 21.50 -12.37 1.44
C LEU C 52 22.85 -12.65 2.07
N GLY C 53 23.65 -13.54 1.52
CA GLY C 53 24.97 -13.87 2.07
C GLY C 53 24.87 -14.74 3.32
N MET C 54 23.80 -15.51 3.50
CA MET C 54 23.74 -16.36 4.70
C MET C 54 24.51 -17.64 4.44
N THR C 55 24.78 -18.46 5.44
CA THR C 55 25.48 -19.72 5.19
C THR C 55 24.60 -20.92 5.54
N LEU C 56 24.62 -21.96 4.73
CA LEU C 56 23.86 -23.17 5.06
C LEU C 56 24.69 -23.93 6.10
N ILE C 57 24.24 -23.99 7.35
CA ILE C 57 25.08 -24.62 8.38
C ILE C 57 24.59 -26.01 8.75
N GLN C 58 23.39 -26.39 8.32
CA GLN C 58 22.96 -27.76 8.64
C GLN C 58 21.77 -28.13 7.77
N LYS C 59 21.71 -29.37 7.34
CA LYS C 59 20.62 -29.92 6.55
C LYS C 59 20.17 -31.23 7.21
N CYS C 60 18.90 -31.39 7.53
CA CYS C 60 18.40 -32.62 8.14
C CYS C 60 17.22 -33.11 7.30
N ASP C 61 17.19 -34.39 7.03
CA ASP C 61 16.15 -35.03 6.24
C ASP C 61 15.36 -36.04 7.06
N PHE C 62 14.03 -36.03 6.89
CA PHE C 62 13.18 -36.96 7.66
C PHE C 62 12.33 -37.72 6.65
N PRO C 63 12.90 -38.79 6.09
CA PRO C 63 12.28 -39.58 5.06
C PRO C 63 10.89 -40.11 5.38
N ILE C 64 10.65 -40.62 6.58
CA ILE C 64 9.36 -41.13 6.98
C ILE C 64 8.30 -40.03 7.01
N MET C 65 8.70 -38.84 7.46
CA MET C 65 7.78 -37.70 7.55
C MET C 65 7.79 -36.83 6.33
N LYS C 66 8.63 -37.14 5.36
CA LYS C 66 8.66 -36.42 4.10
C LYS C 66 8.94 -34.93 4.21
N PHE C 67 9.99 -34.55 4.97
CA PHE C 67 10.35 -33.13 4.96
C PHE C 67 11.84 -33.01 5.23
N SER C 68 12.44 -31.87 4.95
CA SER C 68 13.83 -31.59 5.24
C SER C 68 13.85 -30.25 5.97
N LEU C 69 14.93 -30.02 6.71
CA LEU C 69 15.13 -28.77 7.42
C LEU C 69 16.45 -28.16 6.98
N TYR C 70 16.41 -26.91 6.56
CA TYR C 70 17.62 -26.23 6.14
C TYR C 70 17.93 -25.09 7.12
N PHE C 71 19.10 -25.13 7.74
CA PHE C 71 19.45 -24.11 8.73
C PHE C 71 20.43 -23.13 8.10
N LEU C 72 20.01 -21.85 8.15
CA LEU C 72 20.83 -20.79 7.61
C LEU C 72 21.16 -19.77 8.70
N ALA C 73 22.38 -19.21 8.59
CA ALA C 73 22.75 -18.19 9.58
C ALA C 73 23.91 -17.38 9.03
N TYR C 74 24.12 -16.21 9.64
CA TYR C 74 25.30 -15.44 9.26
C TYR C 74 26.48 -16.00 10.08
N GLU C 75 27.15 -17.00 9.56
CA GLU C 75 28.26 -17.64 10.25
C GLU C 75 29.39 -17.90 9.23
N ASP C 76 30.61 -17.91 9.74
CA ASP C 76 31.76 -18.21 8.89
C ASP C 76 31.65 -19.70 8.62
N LYS C 77 31.69 -20.11 7.37
CA LYS C 77 31.57 -21.53 7.03
C LYS C 77 32.77 -22.36 7.49
N ASN C 78 33.88 -21.74 7.88
CA ASN C 78 35.02 -22.41 8.46
C ASN C 78 34.74 -22.85 9.90
N ASP C 79 33.73 -22.27 10.56
CA ASP C 79 33.40 -22.62 11.94
C ASP C 79 32.47 -23.81 12.06
N ILE C 80 32.00 -24.37 10.95
CA ILE C 80 31.10 -25.50 11.01
C ILE C 80 31.91 -26.74 11.40
N PRO C 81 31.62 -27.29 12.57
CA PRO C 81 32.35 -28.45 13.06
C PRO C 81 32.39 -29.54 12.01
N LYS C 82 33.46 -30.34 11.99
CA LYS C 82 33.53 -31.42 11.02
C LYS C 82 32.77 -32.66 11.46
N GLU C 83 32.82 -33.07 12.72
CA GLU C 83 32.11 -34.31 13.08
C GLU C 83 30.62 -34.02 13.27
N LYS C 84 29.87 -35.00 12.81
CA LYS C 84 28.43 -34.99 12.75
C LYS C 84 27.77 -34.51 14.03
N ASP C 85 27.96 -35.23 15.14
CA ASP C 85 27.31 -34.85 16.39
C ASP C 85 27.73 -33.48 16.90
N GLU C 86 28.98 -33.11 16.75
CA GLU C 86 29.38 -31.75 17.16
C GLU C 86 28.72 -30.70 16.28
N LYS C 87 28.63 -30.94 14.99
CA LYS C 87 27.99 -30.04 14.05
C LYS C 87 26.53 -29.82 14.42
N ILE C 88 25.81 -30.92 14.69
CA ILE C 88 24.41 -30.79 15.12
C ILE C 88 24.29 -29.84 16.32
N ALA C 89 25.05 -30.05 17.38
CA ALA C 89 24.97 -29.25 18.58
C ALA C 89 25.34 -27.78 18.35
N TRP C 90 26.36 -27.56 17.54
CA TRP C 90 26.76 -26.20 17.17
C TRP C 90 25.68 -25.52 16.33
N ALA C 91 25.14 -26.16 15.30
CA ALA C 91 24.14 -25.56 14.42
C ALA C 91 22.85 -25.26 15.18
N LEU C 92 22.46 -26.07 16.16
CA LEU C 92 21.29 -25.73 16.97
C LEU C 92 21.52 -24.73 18.08
N SER C 93 22.76 -24.31 18.36
CA SER C 93 23.00 -23.34 19.43
C SER C 93 23.48 -22.00 18.88
N ARG C 94 23.28 -21.70 17.60
CA ARG C 94 23.72 -20.41 17.07
C ARG C 94 22.56 -19.41 17.22
N LYS C 95 22.85 -18.18 17.60
CA LYS C 95 21.81 -17.17 17.65
C LYS C 95 21.39 -16.79 16.22
N ALA C 96 20.15 -16.33 16.08
CA ALA C 96 19.69 -15.78 14.82
C ALA C 96 19.80 -16.73 13.64
N THR C 97 19.24 -17.94 13.78
CA THR C 97 19.29 -18.84 12.65
C THR C 97 17.90 -18.86 11.99
N LEU C 98 17.95 -19.12 10.69
CA LEU C 98 16.73 -19.20 9.90
C LEU C 98 16.58 -20.65 9.45
N GLU C 99 15.46 -21.23 9.88
CA GLU C 99 15.21 -22.64 9.55
C GLU C 99 14.12 -22.70 8.48
N LEU C 100 14.42 -23.37 7.37
CA LEU C 100 13.49 -23.52 6.26
C LEU C 100 12.93 -24.93 6.23
N THR C 101 11.64 -25.10 6.29
CA THR C 101 11.00 -26.43 6.29
C THR C 101 10.49 -26.69 4.87
N HIS C 102 10.99 -27.77 4.27
CA HIS C 102 10.52 -28.14 2.94
C HIS C 102 9.63 -29.38 3.04
N ASN C 103 8.36 -29.33 2.73
CA ASN C 103 7.52 -30.54 2.72
C ASN C 103 7.67 -31.12 1.32
N TRP C 104 8.24 -32.31 1.18
CA TRP C 104 8.53 -32.88 -0.12
C TRP C 104 7.32 -32.84 -1.05
N GLY C 105 7.55 -32.49 -2.29
CA GLY C 105 6.45 -32.51 -3.27
C GLY C 105 5.82 -31.19 -3.60
N THR C 106 6.07 -30.14 -2.79
CA THR C 106 5.43 -28.85 -3.07
C THR C 106 5.91 -28.15 -4.32
N GLU C 107 7.16 -28.40 -4.69
CA GLU C 107 7.74 -27.85 -5.92
C GLU C 107 6.97 -28.30 -7.16
N ASP C 108 6.40 -29.50 -7.14
CA ASP C 108 5.61 -30.00 -8.25
C ASP C 108 4.15 -29.61 -8.18
N ASP C 109 3.68 -28.97 -7.11
CA ASP C 109 2.26 -28.59 -7.05
C ASP C 109 2.08 -27.13 -7.38
N GLU C 110 1.56 -26.98 -8.60
CA GLU C 110 1.22 -25.71 -9.21
C GLU C 110 0.16 -24.94 -8.43
N THR C 111 -0.69 -25.62 -7.66
CA THR C 111 -1.69 -24.89 -6.88
C THR C 111 -1.18 -24.59 -5.47
N GLN C 112 -0.09 -25.21 -5.04
CA GLN C 112 0.42 -24.99 -3.69
C GLN C 112 1.24 -23.70 -3.58
N SER C 113 1.03 -22.99 -2.46
CA SER C 113 1.88 -21.84 -2.15
C SER C 113 1.69 -21.44 -0.68
N TYR C 114 2.80 -20.98 -0.09
CA TYR C 114 2.72 -20.60 1.33
C TYR C 114 2.20 -19.20 1.52
N HIS C 115 1.67 -18.91 2.69
CA HIS C 115 1.10 -17.57 2.94
C HIS C 115 2.09 -16.75 3.74
N ASN C 116 2.35 -15.51 3.34
CA ASN C 116 3.37 -14.68 3.97
C ASN C 116 2.91 -13.92 5.20
N GLY C 117 1.63 -14.01 5.57
CA GLY C 117 1.12 -13.38 6.77
C GLY C 117 0.79 -11.91 6.68
N ASN C 118 1.00 -11.25 5.54
CA ASN C 118 0.76 -9.84 5.39
C ASN C 118 -0.58 -9.50 4.79
N SER C 119 -1.42 -10.50 4.56
CA SER C 119 -2.79 -10.27 4.11
C SER C 119 -3.62 -11.26 4.90
N ASP C 120 -4.91 -11.05 5.09
CA ASP C 120 -5.73 -11.93 5.89
C ASP C 120 -5.59 -13.39 5.48
N PRO C 121 -5.44 -14.27 6.46
CA PRO C 121 -5.36 -13.88 7.87
C PRO C 121 -3.93 -13.56 8.27
N ARG C 122 -3.72 -12.46 9.00
CA ARG C 122 -2.38 -12.03 9.38
C ARG C 122 -1.86 -12.67 10.67
N GLY C 123 -0.55 -12.58 10.85
CA GLY C 123 0.11 -13.07 12.06
C GLY C 123 1.53 -12.53 11.98
N PHE C 124 2.44 -13.46 11.67
CA PHE C 124 3.83 -13.16 11.38
C PHE C 124 3.87 -12.09 10.28
N GLY C 125 4.81 -11.16 10.36
CA GLY C 125 4.90 -10.15 9.30
C GLY C 125 6.20 -10.24 8.50
N HIS C 126 7.34 -10.43 9.15
CA HIS C 126 8.60 -10.41 8.43
C HIS C 126 9.79 -10.77 9.31
N ILE C 127 10.90 -11.04 8.64
CA ILE C 127 12.19 -11.22 9.31
C ILE C 127 12.96 -9.94 8.93
N GLY C 128 14.04 -9.62 9.64
CA GLY C 128 14.72 -8.37 9.31
C GLY C 128 16.24 -8.47 9.42
N ILE C 129 16.89 -7.87 8.44
CA ILE C 129 18.34 -7.81 8.31
C ILE C 129 18.86 -6.42 8.62
N ALA C 130 19.94 -6.31 9.38
CA ALA C 130 20.51 -4.97 9.67
C ALA C 130 21.77 -4.91 8.80
N VAL C 131 21.89 -3.88 7.98
CA VAL C 131 22.95 -3.73 7.00
C VAL C 131 23.63 -2.37 7.20
N PRO C 132 24.86 -2.22 6.72
CA PRO C 132 25.60 -0.97 6.89
C PRO C 132 25.09 0.17 6.03
N ASP C 133 24.52 -0.06 4.87
CA ASP C 133 24.00 0.91 3.93
C ASP C 133 22.77 0.35 3.25
N VAL C 134 21.58 0.86 3.53
CA VAL C 134 20.37 0.38 2.88
C VAL C 134 20.33 0.72 1.40
N TYR C 135 20.85 1.90 1.02
CA TYR C 135 20.81 2.25 -0.43
C TYR C 135 21.74 1.37 -1.23
N SER C 136 22.99 1.14 -0.79
CA SER C 136 23.84 0.25 -1.59
C SER C 136 23.39 -1.19 -1.53
N ALA C 137 22.88 -1.63 -0.35
CA ALA C 137 22.35 -3.02 -0.38
C ALA C 137 21.23 -3.12 -1.38
N CYS C 138 20.29 -2.16 -1.37
CA CYS C 138 19.14 -2.26 -2.29
C CYS C 138 19.52 -2.06 -3.75
N LYS C 139 20.57 -1.29 -4.01
CA LYS C 139 21.06 -1.17 -5.40
C LYS C 139 21.59 -2.48 -5.90
N ARG C 140 22.25 -3.27 -5.03
CA ARG C 140 22.72 -4.59 -5.45
C ARG C 140 21.51 -5.51 -5.61
N PHE C 141 20.51 -5.36 -4.71
CA PHE C 141 19.34 -6.22 -4.84
C PHE C 141 18.62 -5.91 -6.15
N GLU C 142 18.57 -4.63 -6.50
CA GLU C 142 17.92 -4.25 -7.75
C GLU C 142 18.63 -4.93 -8.91
N GLU C 143 19.97 -4.81 -8.90
CA GLU C 143 20.77 -5.40 -9.97
C GLU C 143 20.59 -6.89 -10.11
N LEU C 144 20.33 -7.60 -9.00
CA LEU C 144 20.08 -9.04 -9.06
C LEU C 144 18.65 -9.41 -9.35
N GLY C 145 17.75 -8.48 -9.67
CA GLY C 145 16.36 -8.87 -9.94
C GLY C 145 15.54 -9.20 -8.69
N VAL C 146 15.95 -8.76 -7.50
CA VAL C 146 15.16 -9.09 -6.29
C VAL C 146 13.80 -8.43 -6.28
N LYS C 147 12.71 -9.11 -5.93
CA LYS C 147 11.41 -8.44 -5.80
C LYS C 147 11.31 -7.53 -4.57
N PHE C 148 10.66 -6.36 -4.76
CA PHE C 148 10.55 -5.41 -3.68
C PHE C 148 9.10 -5.17 -3.29
N VAL C 149 8.85 -5.07 -1.99
CA VAL C 149 7.55 -4.64 -1.50
C VAL C 149 7.70 -3.12 -1.41
N LYS C 150 8.86 -2.69 -0.88
CA LYS C 150 9.14 -1.27 -0.66
C LYS C 150 10.64 -0.98 -0.81
N LYS C 151 10.99 -0.12 -1.76
CA LYS C 151 12.35 0.36 -1.97
C LYS C 151 12.63 1.37 -0.89
N PRO C 152 13.88 1.67 -0.58
CA PRO C 152 14.24 2.55 0.51
C PRO C 152 13.44 3.83 0.61
N ASP C 153 13.19 4.54 -0.46
CA ASP C 153 12.45 5.79 -0.45
C ASP C 153 11.03 5.61 -0.97
N ASP C 154 10.55 4.36 -1.05
CA ASP C 154 9.14 4.19 -1.42
C ASP C 154 8.26 4.49 -0.19
N GLY C 155 7.13 5.16 -0.40
CA GLY C 155 6.20 5.38 0.67
C GLY C 155 6.67 6.36 1.73
N LYS C 156 6.13 6.20 2.93
CA LYS C 156 6.34 7.10 4.05
C LYS C 156 7.70 7.05 4.72
N MET C 157 8.14 5.91 5.22
CA MET C 157 9.42 5.85 5.95
C MET C 157 10.60 5.84 5.01
N LYS C 158 11.54 6.76 5.06
CA LYS C 158 12.67 6.71 4.11
C LYS C 158 13.85 5.96 4.71
N GLY C 159 14.70 5.39 3.90
CA GLY C 159 15.91 4.71 4.33
C GLY C 159 15.70 3.26 4.78
N LEU C 160 14.52 2.74 4.47
CA LEU C 160 14.09 1.43 4.95
C LEU C 160 13.40 0.69 3.84
N ALA C 161 13.71 -0.61 3.70
CA ALA C 161 13.09 -1.34 2.61
C ALA C 161 12.52 -2.68 3.06
N PHE C 162 11.76 -3.28 2.13
CA PHE C 162 11.19 -4.59 2.30
C PHE C 162 11.30 -5.32 0.96
N ILE C 163 12.00 -6.43 0.96
CA ILE C 163 12.20 -7.27 -0.20
C ILE C 163 11.45 -8.57 0.09
N GLN C 164 11.37 -9.42 -0.93
CA GLN C 164 10.66 -10.68 -0.74
C GLN C 164 11.57 -11.84 -1.16
N ASP C 165 11.42 -12.96 -0.48
CA ASP C 165 12.20 -14.16 -0.85
C ASP C 165 11.36 -14.86 -1.90
N PRO C 166 11.75 -16.01 -2.39
CA PRO C 166 11.07 -16.77 -3.41
C PRO C 166 9.69 -17.25 -3.02
N ASP C 167 9.32 -17.33 -1.74
CA ASP C 167 7.94 -17.69 -1.39
C ASP C 167 7.11 -16.43 -1.15
N GLY C 168 7.67 -15.24 -1.31
CA GLY C 168 6.89 -14.02 -0.99
C GLY C 168 7.04 -13.54 0.45
N TYR C 169 7.84 -14.19 1.30
CA TYR C 169 7.99 -13.64 2.66
C TYR C 169 8.73 -12.31 2.65
N TRP C 170 8.30 -11.36 3.46
CA TRP C 170 8.84 -10.05 3.59
C TRP C 170 10.10 -10.07 4.46
N ILE C 171 11.07 -9.29 4.01
CA ILE C 171 12.37 -9.18 4.67
C ILE C 171 12.67 -7.68 4.78
N GLN C 172 12.72 -7.24 6.04
CA GLN C 172 13.05 -5.85 6.31
C GLN C 172 14.54 -5.64 6.10
N ILE C 173 14.89 -4.47 5.58
CA ILE C 173 16.26 -4.07 5.29
C ILE C 173 16.42 -2.71 5.98
N LEU C 174 17.26 -2.72 7.01
CA LEU C 174 17.38 -1.51 7.82
C LEU C 174 18.81 -1.19 8.22
N ASN C 175 19.09 0.09 8.39
CA ASN C 175 20.38 0.53 8.88
C ASN C 175 20.12 1.11 10.27
N PRO C 176 20.42 0.37 11.33
CA PRO C 176 20.23 0.81 12.69
C PRO C 176 20.88 2.14 13.06
N ASN C 177 21.94 2.59 12.36
CA ASN C 177 22.54 3.88 12.66
C ASN C 177 21.87 5.03 11.95
N LYS C 178 20.78 4.91 11.22
CA LYS C 178 20.16 6.06 10.56
C LYS C 178 18.67 6.16 10.82
N MET C 179 18.23 6.37 12.04
CA MET C 179 16.82 6.42 12.42
C MET C 179 16.31 7.84 12.72
N ALA C 180 17.20 8.82 12.59
CA ALA C 180 16.77 10.22 12.70
C ALA C 180 16.12 10.56 11.35
N THR C 181 16.53 9.83 10.33
CA THR C 181 16.08 9.88 8.96
C THR C 181 14.76 9.17 8.65
N LEU C 182 14.29 8.30 9.53
CA LEU C 182 13.09 7.51 9.35
C LEU C 182 11.84 8.29 8.93
N MET C 183 11.28 9.06 9.84
CA MET C 183 10.07 9.82 9.58
C MET C 183 10.35 11.32 9.69
N GLU D 2 9.40 -42.46 -18.44
CA GLU D 2 8.95 -41.43 -19.38
C GLU D 2 8.50 -40.18 -18.62
N PRO D 3 7.43 -40.24 -17.84
CA PRO D 3 6.97 -39.11 -17.05
C PRO D 3 7.87 -38.81 -15.86
N GLN D 4 8.25 -37.55 -15.63
CA GLN D 4 9.23 -37.19 -14.61
C GLN D 4 8.77 -37.54 -13.20
N PRO D 5 9.69 -38.11 -12.42
CA PRO D 5 9.43 -38.49 -11.03
C PRO D 5 9.12 -37.32 -10.11
N PRO D 6 8.21 -37.53 -9.15
CA PRO D 6 7.83 -36.49 -8.20
C PRO D 6 9.10 -36.02 -7.50
N SER D 7 9.18 -34.73 -7.16
CA SER D 7 10.40 -34.31 -6.47
C SER D 7 10.36 -34.86 -5.06
N GLY D 8 11.51 -35.31 -4.57
CA GLY D 8 11.61 -35.78 -3.18
C GLY D 8 12.50 -34.75 -2.47
N GLY D 9 13.31 -35.16 -1.50
CA GLY D 9 14.17 -34.15 -0.85
C GLY D 9 15.48 -34.02 -1.64
N LEU D 10 16.16 -32.89 -1.55
CA LEU D 10 17.44 -32.74 -2.20
C LEU D 10 18.47 -33.67 -1.54
N THR D 11 19.45 -34.11 -2.33
CA THR D 11 20.57 -34.86 -1.75
C THR D 11 21.39 -33.76 -1.07
N ASP D 12 22.35 -34.07 -0.22
CA ASP D 12 23.22 -33.03 0.34
C ASP D 12 23.95 -32.27 -0.76
N GLU D 13 24.40 -32.95 -1.80
CA GLU D 13 25.10 -32.33 -2.93
C GLU D 13 24.28 -31.29 -3.66
N ALA D 14 23.03 -31.69 -3.91
CA ALA D 14 22.09 -30.82 -4.64
C ALA D 14 21.83 -29.56 -3.84
N ALA D 15 21.73 -29.69 -2.52
CA ALA D 15 21.54 -28.52 -1.65
C ALA D 15 22.77 -27.65 -1.74
N LEU D 16 23.95 -28.23 -1.63
CA LEU D 16 25.20 -27.47 -1.71
C LEU D 16 25.34 -26.84 -3.10
N SER D 17 24.92 -27.49 -4.17
CA SER D 17 24.99 -26.87 -5.49
C SER D 17 24.16 -25.60 -5.62
N CYS D 18 23.14 -25.33 -4.80
CA CYS D 18 22.42 -24.08 -4.84
C CYS D 18 22.94 -23.07 -3.83
N CYS D 19 24.02 -23.36 -3.10
CA CYS D 19 24.54 -22.40 -2.13
C CYS D 19 25.73 -21.64 -2.70
N SER D 20 25.67 -20.31 -2.60
CA SER D 20 26.82 -19.51 -3.02
C SER D 20 27.55 -18.90 -1.84
N ASP D 21 28.87 -18.73 -1.95
CA ASP D 21 29.65 -18.08 -0.88
C ASP D 21 29.12 -16.65 -0.71
N ALA D 22 29.23 -16.10 0.48
CA ALA D 22 28.71 -14.76 0.70
C ALA D 22 29.48 -13.70 -0.06
N ASP D 23 28.79 -12.84 -0.79
CA ASP D 23 29.46 -11.72 -1.46
C ASP D 23 30.02 -10.84 -0.35
N PRO D 24 31.18 -10.22 -0.60
CA PRO D 24 31.78 -9.30 0.34
C PRO D 24 30.88 -8.11 0.59
N SER D 25 29.93 -7.73 -0.26
CA SER D 25 29.01 -6.63 0.13
C SER D 25 28.07 -7.03 1.25
N THR D 26 27.84 -8.35 1.50
CA THR D 26 26.99 -8.74 2.61
C THR D 26 27.77 -9.05 3.87
N LYS D 27 29.05 -8.73 3.98
CA LYS D 27 29.93 -9.02 5.09
C LYS D 27 29.40 -8.79 6.51
N ASP D 28 28.76 -7.65 6.72
CA ASP D 28 28.32 -7.28 8.07
C ASP D 28 26.81 -7.32 8.22
N PHE D 29 26.09 -7.87 7.26
CA PHE D 29 24.65 -8.08 7.45
C PHE D 29 24.45 -9.01 8.65
N LEU D 30 23.41 -8.81 9.44
CA LEU D 30 23.02 -9.73 10.50
C LEU D 30 21.51 -9.89 10.48
N LEU D 31 21.06 -11.06 10.94
CA LEU D 31 19.62 -11.35 11.01
C LEU D 31 19.18 -10.80 12.37
N GLN D 32 18.65 -9.60 12.33
CA GLN D 32 18.33 -8.80 13.52
C GLN D 32 17.00 -9.07 14.15
N GLU D 33 15.95 -9.38 13.41
CA GLU D 33 14.64 -9.57 14.04
C GLU D 33 13.67 -10.47 13.34
N THR D 34 12.66 -10.87 14.11
CA THR D 34 11.51 -11.64 13.65
C THR D 34 10.26 -10.91 14.16
N MET D 35 9.33 -10.59 13.28
CA MET D 35 8.19 -9.76 13.65
C MET D 35 6.90 -10.56 13.73
N LEU D 36 6.22 -10.44 14.87
CA LEU D 36 4.94 -11.11 15.07
C LEU D 36 3.92 -10.08 15.51
N ARG D 37 2.69 -10.12 15.01
CA ARG D 37 1.66 -9.18 15.45
C ARG D 37 1.03 -9.78 16.71
N VAL D 38 0.87 -8.97 17.76
CA VAL D 38 0.26 -9.47 18.98
C VAL D 38 -1.03 -8.70 19.29
N LYS D 39 -2.05 -9.41 19.72
CA LYS D 39 -3.37 -8.89 20.01
C LYS D 39 -3.32 -7.93 21.20
N ASP D 40 -2.68 -8.39 22.26
CA ASP D 40 -2.59 -7.67 23.53
C ASP D 40 -1.16 -7.61 24.04
N PRO D 41 -0.53 -6.45 23.95
CA PRO D 41 0.85 -6.27 24.36
C PRO D 41 1.11 -6.52 25.84
N LYS D 42 0.16 -6.25 26.71
CA LYS D 42 0.28 -6.56 28.13
C LYS D 42 0.48 -8.06 28.38
N LYS D 43 -0.31 -8.88 27.72
CA LYS D 43 -0.19 -10.33 27.81
C LYS D 43 1.11 -10.84 27.23
N SER D 44 1.55 -10.33 26.07
CA SER D 44 2.76 -10.77 25.41
C SER D 44 4.01 -10.36 26.18
N LEU D 45 4.02 -9.12 26.67
CA LEU D 45 5.18 -8.68 27.45
C LEU D 45 5.34 -9.56 28.68
N ASP D 46 4.23 -9.84 29.39
CA ASP D 46 4.32 -10.70 30.57
C ASP D 46 4.84 -12.08 30.16
N PHE D 47 4.30 -12.68 29.09
CA PHE D 47 4.74 -14.01 28.68
C PHE D 47 6.21 -14.05 28.33
N TYR D 48 6.62 -13.15 27.43
CA TYR D 48 8.01 -13.17 26.97
C TYR D 48 9.01 -12.85 28.07
N THR D 49 8.67 -11.93 28.99
CA THR D 49 9.64 -11.59 30.05
C THR D 49 9.51 -12.54 31.23
N ARG D 50 8.29 -12.78 31.74
CA ARG D 50 8.13 -13.63 32.92
C ARG D 50 8.31 -15.11 32.61
N VAL D 51 7.69 -15.63 31.59
CA VAL D 51 7.84 -17.06 31.29
C VAL D 51 9.17 -17.35 30.61
N LEU D 52 9.54 -16.64 29.57
CA LEU D 52 10.76 -16.92 28.83
C LEU D 52 12.00 -16.19 29.27
N GLY D 53 11.91 -15.14 30.08
CA GLY D 53 13.07 -14.44 30.60
C GLY D 53 13.79 -13.54 29.60
N MET D 54 13.03 -13.04 28.63
CA MET D 54 13.59 -12.11 27.64
C MET D 54 13.52 -10.73 28.29
N THR D 55 14.16 -9.74 27.70
CA THR D 55 14.15 -8.38 28.18
C THR D 55 13.57 -7.45 27.10
N LEU D 56 12.69 -6.54 27.50
CA LEU D 56 12.16 -5.50 26.65
C LEU D 56 13.29 -4.49 26.45
N ILE D 57 13.84 -4.38 25.25
CA ILE D 57 14.99 -3.50 25.04
C ILE D 57 14.62 -2.20 24.37
N GLN D 58 13.44 -2.09 23.77
CA GLN D 58 13.02 -0.87 23.12
C GLN D 58 11.51 -0.89 22.84
N LYS D 59 10.90 0.28 23.01
CA LYS D 59 9.47 0.43 22.74
C LYS D 59 9.32 1.62 21.78
N CYS D 60 8.63 1.50 20.68
CA CYS D 60 8.44 2.58 19.72
C CYS D 60 6.93 2.76 19.45
N ASP D 61 6.40 3.97 19.47
CA ASP D 61 5.00 4.24 19.25
C ASP D 61 4.82 5.11 18.02
N PHE D 62 3.83 4.80 17.22
CA PHE D 62 3.48 5.51 15.99
C PHE D 62 2.03 5.94 16.10
N PRO D 63 1.82 7.10 16.68
CA PRO D 63 0.49 7.62 16.95
C PRO D 63 -0.39 7.88 15.76
N ILE D 64 0.10 8.35 14.62
CA ILE D 64 -0.74 8.54 13.45
C ILE D 64 -1.16 7.19 12.90
N MET D 65 -0.22 6.25 12.82
CA MET D 65 -0.51 4.92 12.29
C MET D 65 -1.17 4.00 13.32
N LYS D 66 -1.24 4.44 14.57
CA LYS D 66 -1.88 3.65 15.62
C LYS D 66 -1.26 2.28 15.82
N PHE D 67 0.05 2.26 16.05
CA PHE D 67 0.68 0.97 16.35
C PHE D 67 1.92 1.21 17.19
N SER D 68 2.26 0.18 17.93
CA SER D 68 3.47 0.20 18.73
C SER D 68 4.33 -1.00 18.33
N LEU D 69 5.62 -0.86 18.58
CA LEU D 69 6.58 -1.94 18.38
C LEU D 69 7.30 -2.23 19.71
N TYR D 70 7.41 -3.52 20.06
CA TYR D 70 8.11 -3.87 21.30
C TYR D 70 9.28 -4.76 20.92
N PHE D 71 10.52 -4.40 21.29
CA PHE D 71 11.64 -5.26 20.87
C PHE D 71 12.12 -6.06 22.08
N LEU D 72 12.08 -7.37 21.94
CA LEU D 72 12.53 -8.26 23.00
C LEU D 72 13.78 -9.02 22.56
N ALA D 73 14.66 -9.26 23.53
CA ALA D 73 15.88 -10.03 23.28
C ALA D 73 16.48 -10.55 24.58
N TYR D 74 17.38 -11.54 24.45
CA TYR D 74 18.09 -12.11 25.59
C TYR D 74 19.37 -11.26 25.77
N GLU D 75 19.22 -10.17 26.50
CA GLU D 75 20.27 -9.21 26.73
C GLU D 75 20.24 -8.81 28.22
N ASP D 76 21.42 -8.47 28.70
CA ASP D 76 21.53 -7.98 30.09
C ASP D 76 20.97 -6.57 30.07
N LYS D 77 19.98 -6.26 30.89
CA LYS D 77 19.38 -4.94 30.89
C LYS D 77 20.36 -3.83 31.28
N ASN D 78 21.54 -4.15 31.81
CA ASN D 78 22.54 -3.17 32.16
C ASN D 78 23.33 -2.72 30.93
N ASP D 79 23.14 -3.40 29.80
CA ASP D 79 23.82 -3.09 28.56
C ASP D 79 22.99 -2.08 27.75
N ILE D 80 21.76 -1.84 28.17
CA ILE D 80 20.89 -0.92 27.42
C ILE D 80 21.40 0.49 27.68
N PRO D 81 21.96 1.14 26.68
CA PRO D 81 22.43 2.51 26.84
C PRO D 81 21.34 3.42 27.38
N LYS D 82 21.75 4.50 28.07
CA LYS D 82 20.76 5.42 28.63
C LYS D 82 20.40 6.50 27.64
N GLU D 83 21.32 6.90 26.73
CA GLU D 83 20.89 7.98 25.83
C GLU D 83 19.98 7.41 24.76
N LYS D 84 18.85 8.08 24.58
CA LYS D 84 17.81 7.72 23.63
C LYS D 84 18.32 7.29 22.28
N ASP D 85 19.06 8.13 21.56
CA ASP D 85 19.57 7.78 20.24
C ASP D 85 20.55 6.63 20.29
N GLU D 86 21.42 6.57 21.30
CA GLU D 86 22.32 5.42 21.39
C GLU D 86 21.52 4.15 21.66
N LYS D 87 20.50 4.24 22.51
CA LYS D 87 19.69 3.07 22.84
C LYS D 87 19.04 2.50 21.58
N ILE D 88 18.41 3.33 20.77
CA ILE D 88 17.78 2.86 19.54
C ILE D 88 18.78 2.23 18.59
N ALA D 89 19.96 2.83 18.41
CA ALA D 89 20.96 2.21 17.53
C ALA D 89 21.40 0.84 18.04
N TRP D 90 21.55 0.71 19.35
CA TRP D 90 21.96 -0.54 19.96
C TRP D 90 20.80 -1.54 19.95
N ALA D 91 19.60 -1.10 20.33
CA ALA D 91 18.43 -1.99 20.36
C ALA D 91 18.06 -2.52 18.99
N LEU D 92 18.27 -1.78 17.92
CA LEU D 92 18.00 -2.28 16.58
C LEU D 92 19.19 -2.96 15.94
N SER D 93 20.33 -3.08 16.62
CA SER D 93 21.47 -3.76 16.00
C SER D 93 21.83 -5.04 16.76
N ARG D 94 20.83 -5.70 17.40
CA ARG D 94 21.13 -6.94 18.10
C ARG D 94 20.75 -8.16 17.27
N LYS D 95 21.51 -9.24 17.29
CA LYS D 95 21.15 -10.49 16.69
C LYS D 95 19.98 -11.07 17.50
N ALA D 96 19.15 -11.80 16.78
CA ALA D 96 18.03 -12.49 17.40
C ALA D 96 17.11 -11.70 18.28
N THR D 97 16.46 -10.69 17.71
CA THR D 97 15.47 -9.97 18.54
C THR D 97 14.09 -10.32 18.05
N LEU D 98 13.13 -10.16 18.96
CA LEU D 98 11.75 -10.48 18.63
C LEU D 98 10.98 -9.17 18.61
N GLU D 99 10.39 -8.83 17.45
CA GLU D 99 9.66 -7.57 17.42
C GLU D 99 8.17 -7.89 17.46
N LEU D 100 7.49 -7.35 18.44
CA LEU D 100 6.04 -7.53 18.55
C LEU D 100 5.38 -6.25 18.08
N THR D 101 4.45 -6.44 17.16
CA THR D 101 3.69 -5.31 16.65
C THR D 101 2.30 -5.30 17.29
N HIS D 102 1.95 -4.20 17.97
CA HIS D 102 0.61 -4.04 18.49
C HIS D 102 -0.19 -3.03 17.68
N ASN D 103 -1.27 -3.47 17.04
CA ASN D 103 -2.13 -2.50 16.32
C ASN D 103 -3.15 -2.05 17.35
N TRP D 104 -3.16 -0.77 17.69
CA TRP D 104 -4.02 -0.25 18.75
C TRP D 104 -5.47 -0.68 18.56
N GLY D 105 -6.10 -1.13 19.65
CA GLY D 105 -7.49 -1.53 19.60
C GLY D 105 -7.76 -3.01 19.54
N THR D 106 -6.84 -3.86 19.02
CA THR D 106 -7.11 -5.29 18.96
C THR D 106 -7.38 -5.94 20.31
N GLU D 107 -6.80 -5.44 21.40
CA GLU D 107 -7.01 -5.99 22.73
C GLU D 107 -8.47 -5.90 23.18
N ASP D 108 -9.22 -4.92 22.68
CA ASP D 108 -10.61 -4.68 22.97
C ASP D 108 -11.56 -5.37 21.99
N ASP D 109 -11.05 -5.88 20.89
CA ASP D 109 -11.92 -6.46 19.85
C ASP D 109 -12.05 -7.96 20.01
N GLU D 110 -12.98 -8.43 20.83
CA GLU D 110 -13.16 -9.87 21.01
C GLU D 110 -13.21 -10.71 19.75
N THR D 111 -13.60 -10.18 18.58
CA THR D 111 -13.65 -11.00 17.39
C THR D 111 -12.29 -11.09 16.70
N GLN D 112 -11.35 -10.18 17.00
CA GLN D 112 -10.06 -10.21 16.34
C GLN D 112 -9.13 -11.27 16.93
N SER D 113 -8.31 -11.85 16.07
CA SER D 113 -7.21 -12.72 16.51
C SER D 113 -6.25 -12.90 15.34
N TYR D 114 -4.97 -13.09 15.62
CA TYR D 114 -3.98 -13.30 14.58
C TYR D 114 -3.88 -14.78 14.28
N HIS D 115 -3.34 -15.12 13.14
CA HIS D 115 -3.15 -16.50 12.67
C HIS D 115 -1.73 -16.96 12.93
N ASN D 116 -1.51 -18.15 13.47
CA ASN D 116 -0.21 -18.62 13.87
C ASN D 116 0.57 -19.32 12.78
N GLY D 117 -0.07 -19.55 11.63
CA GLY D 117 0.64 -20.14 10.50
C GLY D 117 0.70 -21.65 10.48
N ASN D 118 0.14 -22.32 11.48
CA ASN D 118 0.23 -23.80 11.47
C ASN D 118 -1.06 -24.50 11.04
N SER D 119 -1.93 -23.77 10.36
CA SER D 119 -3.17 -24.34 9.82
C SER D 119 -3.46 -23.49 8.59
N ASP D 120 -4.22 -23.98 7.61
CA ASP D 120 -4.36 -23.22 6.37
C ASP D 120 -4.82 -21.79 6.61
N PRO D 121 -4.21 -20.84 5.91
CA PRO D 121 -3.10 -21.12 5.02
C PRO D 121 -1.81 -20.99 5.82
N ARG D 122 -0.93 -21.94 5.76
CA ARG D 122 0.33 -21.99 6.48
C ARG D 122 1.42 -21.16 5.82
N GLY D 123 2.48 -20.93 6.57
CA GLY D 123 3.67 -20.24 6.09
C GLY D 123 4.67 -20.30 7.23
N PHE D 124 4.79 -19.18 7.96
CA PHE D 124 5.62 -19.15 9.14
C PHE D 124 5.19 -20.32 10.05
N GLY D 125 6.13 -20.91 10.77
CA GLY D 125 5.76 -21.98 11.68
C GLY D 125 5.92 -21.68 13.16
N HIS D 126 7.12 -21.27 13.56
CA HIS D 126 7.45 -21.02 14.94
C HIS D 126 8.79 -20.31 15.12
N ILE D 127 8.98 -19.84 16.36
CA ILE D 127 10.28 -19.35 16.79
C ILE D 127 10.77 -20.47 17.72
N GLY D 128 12.06 -20.50 18.02
CA GLY D 128 12.60 -21.57 18.84
C GLY D 128 13.65 -21.04 19.80
N ILE D 129 13.60 -21.61 21.00
CA ILE D 129 14.47 -21.25 22.10
C ILE D 129 15.37 -22.46 22.42
N ALA D 130 16.64 -22.16 22.71
CA ALA D 130 17.56 -23.24 23.11
C ALA D 130 17.70 -23.10 24.63
N VAL D 131 17.46 -24.20 25.35
CA VAL D 131 17.55 -24.20 26.81
C VAL D 131 18.52 -25.27 27.30
N PRO D 132 18.96 -25.17 28.54
CA PRO D 132 19.87 -26.12 29.14
C PRO D 132 19.24 -27.45 29.54
N ASP D 133 17.94 -27.44 29.77
CA ASP D 133 17.23 -28.62 30.23
C ASP D 133 15.77 -28.54 29.84
N VAL D 134 15.34 -29.31 28.84
CA VAL D 134 13.96 -29.25 28.40
C VAL D 134 12.95 -29.70 29.45
N TYR D 135 13.28 -30.79 30.15
CA TYR D 135 12.35 -31.36 31.12
C TYR D 135 12.12 -30.43 32.29
N SER D 136 13.16 -29.82 32.88
CA SER D 136 12.89 -28.88 33.96
C SER D 136 12.23 -27.62 33.39
N ALA D 137 12.60 -27.19 32.19
CA ALA D 137 12.00 -26.01 31.57
C ALA D 137 10.50 -26.21 31.42
N CYS D 138 10.11 -27.40 30.94
CA CYS D 138 8.71 -27.71 30.66
C CYS D 138 7.90 -27.93 31.93
N LYS D 139 8.53 -28.44 32.98
CA LYS D 139 7.87 -28.60 34.28
C LYS D 139 7.51 -27.22 34.78
N ARG D 140 8.38 -26.22 34.70
CA ARG D 140 8.02 -24.85 35.12
C ARG D 140 6.93 -24.25 34.25
N PHE D 141 7.04 -24.46 32.92
CA PHE D 141 6.03 -23.96 32.00
C PHE D 141 4.65 -24.50 32.40
N GLU D 142 4.58 -25.79 32.72
CA GLU D 142 3.32 -26.40 33.14
C GLU D 142 2.80 -25.86 34.47
N GLU D 143 3.65 -25.63 35.46
CA GLU D 143 3.23 -25.01 36.70
C GLU D 143 2.73 -23.59 36.41
N LEU D 144 3.30 -22.89 35.45
CA LEU D 144 2.95 -21.49 35.15
C LEU D 144 1.71 -21.39 34.28
N GLY D 145 1.16 -22.55 33.84
CA GLY D 145 -0.07 -22.62 33.11
C GLY D 145 0.09 -22.38 31.60
N VAL D 146 1.31 -22.61 31.12
CA VAL D 146 1.61 -22.35 29.72
C VAL D 146 1.00 -23.46 28.87
N LYS D 147 0.45 -23.06 27.75
CA LYS D 147 -0.16 -23.96 26.79
C LYS D 147 0.87 -24.65 25.91
N PHE D 148 0.71 -25.97 25.79
CA PHE D 148 1.62 -26.77 25.01
C PHE D 148 0.99 -27.28 23.74
N VAL D 149 1.78 -27.27 22.68
CA VAL D 149 1.34 -27.90 21.44
C VAL D 149 1.95 -29.31 21.51
N LYS D 150 3.18 -29.41 22.03
CA LYS D 150 3.83 -30.71 22.12
C LYS D 150 4.64 -30.82 23.41
N LYS D 151 4.34 -31.83 24.22
CA LYS D 151 5.11 -32.06 25.44
C LYS D 151 6.36 -32.81 25.08
N PRO D 152 7.44 -32.61 25.82
CA PRO D 152 8.72 -33.25 25.56
C PRO D 152 8.70 -34.73 25.21
N ASP D 153 8.01 -35.60 25.94
CA ASP D 153 7.98 -37.02 25.69
C ASP D 153 6.76 -37.48 24.91
N ASP D 154 6.09 -36.58 24.20
CA ASP D 154 4.94 -36.98 23.40
C ASP D 154 5.37 -37.07 21.95
N GLY D 155 5.16 -38.28 21.40
CA GLY D 155 5.43 -38.61 20.05
C GLY D 155 6.80 -39.02 19.56
N LYS D 156 6.95 -38.86 18.25
CA LYS D 156 8.16 -39.17 17.51
C LYS D 156 9.41 -38.70 18.27
N MET D 157 9.62 -37.37 18.20
CA MET D 157 10.82 -36.81 18.78
C MET D 157 10.70 -36.52 20.27
N LYS D 158 11.52 -37.18 21.09
CA LYS D 158 11.57 -36.94 22.52
C LYS D 158 12.55 -35.82 22.84
N GLY D 159 12.39 -35.18 23.98
CA GLY D 159 13.23 -34.09 24.44
C GLY D 159 13.04 -32.81 23.64
N LEU D 160 11.91 -32.68 22.95
CA LEU D 160 11.60 -31.56 22.09
C LEU D 160 10.17 -31.10 22.39
N ALA D 161 9.99 -29.84 22.71
CA ALA D 161 8.64 -29.38 23.07
C ALA D 161 8.23 -28.18 22.22
N PHE D 162 6.93 -27.99 22.08
CA PHE D 162 6.33 -26.81 21.48
C PHE D 162 5.32 -26.21 22.47
N ILE D 163 5.51 -24.94 22.83
CA ILE D 163 4.57 -24.23 23.68
C ILE D 163 3.96 -23.10 22.81
N GLN D 164 2.94 -22.45 23.34
CA GLN D 164 2.31 -21.33 22.64
C GLN D 164 2.35 -20.05 23.46
N ASP D 165 2.43 -18.90 22.77
CA ASP D 165 2.44 -17.62 23.47
C ASP D 165 0.97 -17.22 23.63
N PRO D 166 0.63 -16.04 24.16
CA PRO D 166 -0.75 -15.61 24.29
C PRO D 166 -1.52 -15.48 22.97
N ASP D 167 -0.88 -15.28 21.82
CA ASP D 167 -1.57 -15.24 20.54
C ASP D 167 -1.68 -16.60 19.86
N GLY D 168 -1.07 -17.64 20.44
CA GLY D 168 -1.11 -18.96 19.84
C GLY D 168 0.11 -19.27 18.97
N TYR D 169 1.08 -18.35 18.84
CA TYR D 169 2.26 -18.66 18.06
C TYR D 169 3.03 -19.80 18.72
N TRP D 170 3.52 -20.73 17.93
CA TRP D 170 4.28 -21.86 18.44
C TRP D 170 5.73 -21.46 18.74
N ILE D 171 6.25 -21.99 19.84
CA ILE D 171 7.64 -21.79 20.23
C ILE D 171 8.30 -23.16 20.53
N GLN D 172 9.31 -23.45 19.72
CA GLN D 172 10.08 -24.69 19.93
C GLN D 172 10.98 -24.52 21.15
N ILE D 173 11.05 -25.63 21.88
CA ILE D 173 11.89 -25.72 23.06
C ILE D 173 12.84 -26.91 22.91
N LEU D 174 14.14 -26.60 22.93
CA LEU D 174 15.07 -27.74 22.74
C LEU D 174 16.40 -27.53 23.43
N ASN D 175 17.12 -28.62 23.69
CA ASN D 175 18.45 -28.65 24.25
C ASN D 175 19.40 -29.16 23.14
N PRO D 176 20.14 -28.23 22.55
CA PRO D 176 21.01 -28.47 21.42
C PRO D 176 22.05 -29.54 21.66
N ASN D 177 22.53 -29.68 22.89
CA ASN D 177 23.49 -30.69 23.28
C ASN D 177 22.89 -32.06 23.53
N LYS D 178 21.58 -32.22 23.49
CA LYS D 178 21.07 -33.59 23.65
C LYS D 178 20.37 -34.02 22.38
N MET D 179 20.27 -33.15 21.36
CA MET D 179 19.53 -33.44 20.15
C MET D 179 20.14 -34.48 19.22
N ALA D 180 21.46 -34.59 19.12
CA ALA D 180 22.10 -35.60 18.28
C ALA D 180 21.62 -37.02 18.61
N THR D 181 21.38 -37.26 19.90
CA THR D 181 20.94 -38.55 20.38
C THR D 181 19.49 -38.86 20.14
N LEU D 182 18.66 -37.90 19.72
CA LEU D 182 17.25 -38.18 19.46
C LEU D 182 16.98 -38.21 17.96
N MET D 183 18.03 -38.24 17.17
CA MET D 183 18.03 -38.33 15.72
C MET D 183 19.22 -39.25 15.39
#